data_1VRD
#
_entry.id   1VRD
#
_cell.length_a   120.083
_cell.length_b   120.083
_cell.length_c   144.079
_cell.angle_alpha   90.00
_cell.angle_beta   90.00
_cell.angle_gamma   90.00
#
_symmetry.space_group_name_H-M   'I 4'
#
loop_
_entity.id
_entity.type
_entity.pdbx_description
1 polymer "inosine-5'-monophosphate dehydrogenase"
2 water water
#
_entity_poly.entity_id   1
_entity_poly.type   'polypeptide(L)'
_entity_poly.pdbx_seq_one_letter_code
;MGSDKIHHHHHHMKEALTFDDVLLVPQYSEVLPKDVKIDTRLTRQIRINIPLVSAAMDTVTEAALAKALAREGGIGIIHK
NLTPDEQARQVSIVKKTENGIIYDPITVTPDMTVKEAIDLMAEYKIGGLPVVDEEGRLVGLLTNRDVRFEKNLSKKIKDL
MTPREKLIVAPPDISLEKAKEILHQHRIEKLPLVSKDNKLVGLITIKDIMSVIEHPNAARDEKGRLLVGAAVGTSPETME
RVEKLVKAGVDVIVIDTAHGHSRRVIETLEMIKADYPDLPVVAGNVATPEGTEALIKAGADAVKVGVGPGSICTTRVVAG
VGVPQLTAVMECSEVARKYDVPIIADGGIRYSGDIVKALAAGAESVMVGSIFAGTEEAPGETILYQGRKYKAYRGMGSLG
AMRSGSADRYGQEGENKFVPEGIEGMVPYKGTVKDVVHQLVGGLRSGMGYIGARTIKELQEKAVFVKITPAGVKESHPHD
IIITKESPNYWVQA
;
_entity_poly.pdbx_strand_id   A,B
#
# COMPACT_ATOMS: atom_id res chain seq x y z
N MET A 13 6.23 2.95 -51.36
CA MET A 13 5.49 2.82 -50.07
C MET A 13 6.13 3.64 -48.94
N LYS A 14 5.37 4.58 -48.40
CA LYS A 14 5.79 5.45 -47.31
C LYS A 14 6.06 4.65 -46.04
N GLU A 15 7.16 4.94 -45.35
CA GLU A 15 7.35 4.43 -44.01
C GLU A 15 6.70 5.40 -43.04
N ALA A 16 6.02 4.89 -42.03
CA ALA A 16 5.42 5.73 -41.02
C ALA A 16 6.03 5.35 -39.67
N LEU A 17 6.17 6.34 -38.80
CA LEU A 17 6.95 6.21 -37.59
C LEU A 17 6.04 6.29 -36.42
N THR A 18 6.37 5.53 -35.38
CA THR A 18 5.66 5.62 -34.14
C THR A 18 6.55 6.39 -33.13
N PHE A 19 6.02 6.69 -31.93
CA PHE A 19 6.83 7.38 -30.91
C PHE A 19 8.15 6.64 -30.61
N ASP A 20 8.07 5.31 -30.52
CA ASP A 20 9.23 4.46 -30.22
C ASP A 20 10.32 4.44 -31.29
N ASP A 21 9.98 4.89 -32.49
CA ASP A 21 10.95 4.98 -33.59
C ASP A 21 11.87 6.20 -33.51
N VAL A 22 11.54 7.16 -32.65
CA VAL A 22 12.24 8.44 -32.65
C VAL A 22 12.69 8.86 -31.29
N LEU A 23 13.63 9.81 -31.29
CA LEU A 23 14.03 10.51 -30.09
C LEU A 23 14.17 11.98 -30.45
N LEU A 24 13.94 12.82 -29.45
CA LEU A 24 14.23 14.25 -29.51
C LEU A 24 15.68 14.57 -29.18
N VAL A 25 16.30 15.38 -30.04
CA VAL A 25 17.67 15.79 -29.86
C VAL A 25 17.69 16.91 -28.81
N PRO A 26 18.58 16.80 -27.80
CA PRO A 26 18.69 17.87 -26.79
C PRO A 26 19.19 19.17 -27.47
N GLN A 27 18.75 20.34 -27.00
CA GLN A 27 19.13 21.63 -27.63
C GLN A 27 19.61 22.57 -26.53
N TYR A 28 20.15 23.72 -26.91
CA TYR A 28 20.58 24.74 -25.94
C TYR A 28 19.43 25.15 -25.04
N SER A 29 19.68 25.18 -23.75
CA SER A 29 18.61 25.51 -22.81
C SER A 29 19.05 26.58 -21.83
N GLU A 30 18.13 27.52 -21.57
CA GLU A 30 18.24 28.51 -20.48
C GLU A 30 17.06 28.39 -19.50
N VAL A 31 16.25 27.35 -19.61
CA VAL A 31 15.05 27.21 -18.78
C VAL A 31 15.05 25.88 -18.01
N LEU A 32 14.78 25.96 -16.70
CA LEU A 32 14.66 24.80 -15.85
C LEU A 32 13.28 24.15 -16.01
N PRO A 33 13.25 22.83 -15.97
CA PRO A 33 11.98 22.11 -15.93
C PRO A 33 10.88 22.81 -15.11
N LYS A 34 11.15 23.22 -13.87
CA LYS A 34 10.13 23.89 -13.04
C LYS A 34 9.57 25.21 -13.62
N ASP A 35 10.31 25.84 -14.54
CA ASP A 35 9.89 27.13 -15.09
C ASP A 35 9.25 27.11 -16.49
N VAL A 36 9.15 25.92 -17.09
CA VAL A 36 8.48 25.80 -18.38
C VAL A 36 6.99 25.94 -18.16
N LYS A 37 6.29 26.48 -19.15
CA LYS A 37 4.83 26.57 -19.04
C LYS A 37 4.21 25.43 -19.84
N ILE A 38 3.29 24.67 -19.22
CA ILE A 38 2.66 23.48 -19.83
C ILE A 38 1.16 23.70 -20.12
N ASP A 39 0.68 24.92 -19.95
CA ASP A 39 -0.70 25.23 -20.35
C ASP A 39 -0.87 25.15 -21.86
N THR A 40 -2.07 24.79 -22.30
CA THR A 40 -2.24 24.47 -23.71
C THR A 40 -3.71 24.68 -24.12
N ARG A 41 -3.98 24.69 -25.44
CA ARG A 41 -5.35 24.62 -25.95
C ARG A 41 -5.81 23.19 -26.02
N LEU A 42 -7.02 22.95 -25.55
CA LEU A 42 -7.76 21.75 -25.85
C LEU A 42 -8.45 21.91 -27.19
N THR A 43 -9.26 22.97 -27.32
CA THR A 43 -9.93 23.27 -28.56
C THR A 43 -9.54 24.69 -28.94
N ARG A 44 -10.02 25.19 -30.05
CA ARG A 44 -9.64 26.54 -30.39
C ARG A 44 -10.08 27.58 -29.30
N GLN A 45 -11.04 27.20 -28.42
CA GLN A 45 -11.64 28.14 -27.43
C GLN A 45 -11.48 27.73 -25.98
N ILE A 46 -11.04 26.50 -25.73
CA ILE A 46 -10.82 26.01 -24.38
C ILE A 46 -9.32 25.79 -24.09
N ARG A 47 -8.86 26.37 -22.97
CA ARG A 47 -7.51 26.19 -22.46
C ARG A 47 -7.53 25.19 -21.34
N ILE A 48 -6.53 24.30 -21.28
CA ILE A 48 -6.34 23.48 -20.07
C ILE A 48 -4.96 23.80 -19.51
N ASN A 49 -4.69 23.47 -18.24
CA ASN A 49 -3.43 23.94 -17.63
C ASN A 49 -2.26 22.99 -17.74
N ILE A 50 -2.57 21.73 -18.07
CA ILE A 50 -1.58 20.74 -18.42
C ILE A 50 -2.16 20.06 -19.68
N PRO A 51 -1.29 19.45 -20.52
CA PRO A 51 -1.80 18.90 -21.79
C PRO A 51 -2.38 17.49 -21.74
N LEU A 52 -3.16 17.20 -20.72
CA LEU A 52 -3.59 15.85 -20.51
C LEU A 52 -5.11 15.74 -20.61
N VAL A 53 -5.58 14.87 -21.48
CA VAL A 53 -7.03 14.62 -21.57
C VAL A 53 -7.24 13.16 -21.24
N SER A 54 -8.17 12.82 -20.32
CA SER A 54 -8.45 11.39 -20.08
C SER A 54 -9.45 10.75 -21.07
N ALA A 55 -9.23 9.45 -21.39
CA ALA A 55 -9.95 8.75 -22.46
C ALA A 55 -11.41 8.56 -22.11
N ALA A 56 -12.28 8.67 -23.11
CA ALA A 56 -13.69 8.45 -22.92
C ALA A 56 -13.96 6.94 -22.94
N MET A 57 -13.40 6.24 -21.97
CA MET A 57 -13.49 4.80 -21.88
C MET A 57 -14.13 4.47 -20.55
N ASP A 58 -14.90 3.39 -20.51
CA ASP A 58 -15.69 3.08 -19.31
C ASP A 58 -14.84 2.47 -18.20
N THR A 59 -13.59 2.24 -18.53
CA THR A 59 -12.60 1.82 -17.57
C THR A 59 -11.73 3.01 -17.09
N VAL A 60 -12.00 4.21 -17.60
CA VAL A 60 -11.12 5.35 -17.38
C VAL A 60 -11.87 6.55 -16.78
N THR A 61 -12.92 7.02 -17.43
CA THR A 61 -13.43 8.31 -17.05
C THR A 61 -14.90 8.33 -16.70
N GLU A 62 -15.14 8.51 -15.40
CA GLU A 62 -16.42 8.98 -14.93
C GLU A 62 -16.11 10.21 -14.08
N ALA A 63 -17.09 10.69 -13.32
CA ALA A 63 -17.03 11.95 -12.60
C ALA A 63 -15.82 12.03 -11.70
N ALA A 64 -15.56 10.97 -10.95
CA ALA A 64 -14.49 10.95 -9.97
C ALA A 64 -13.13 11.16 -10.61
N LEU A 65 -12.86 10.47 -11.69
CA LEU A 65 -11.61 10.69 -12.42
C LEU A 65 -11.57 12.04 -13.10
N ALA A 66 -12.69 12.43 -13.72
CA ALA A 66 -12.79 13.69 -14.45
C ALA A 66 -12.54 14.88 -13.54
N LYS A 67 -13.11 14.85 -12.34
CA LYS A 67 -12.87 15.96 -11.42
C LYS A 67 -11.44 15.93 -10.88
N ALA A 68 -10.88 14.74 -10.65
CA ALA A 68 -9.53 14.62 -10.12
C ALA A 68 -8.51 15.17 -11.09
N LEU A 69 -8.77 15.00 -12.39
CA LEU A 69 -7.91 15.52 -13.46
C LEU A 69 -8.09 17.03 -13.78
N ALA A 70 -9.33 17.50 -13.85
CA ALA A 70 -9.57 18.95 -13.96
C ALA A 70 -8.88 19.71 -12.83
N ARG A 71 -8.88 19.14 -11.63
CA ARG A 71 -8.26 19.73 -10.46
C ARG A 71 -6.73 19.83 -10.62
N GLU A 72 -6.16 18.91 -11.39
CA GLU A 72 -4.75 18.95 -11.70
C GLU A 72 -4.47 19.81 -12.96
N GLY A 73 -5.50 20.23 -13.66
CA GLY A 73 -5.37 21.17 -14.77
C GLY A 73 -5.61 20.59 -16.15
N GLY A 74 -5.99 19.31 -16.18
CA GLY A 74 -6.34 18.59 -17.40
C GLY A 74 -7.85 18.57 -17.54
N ILE A 75 -8.36 17.70 -18.39
CA ILE A 75 -9.81 17.55 -18.57
C ILE A 75 -10.16 16.12 -18.85
N GLY A 76 -11.19 15.63 -18.17
CA GLY A 76 -11.71 14.30 -18.45
C GLY A 76 -12.87 14.33 -19.43
N ILE A 77 -12.92 13.32 -20.30
CA ILE A 77 -14.05 13.10 -21.21
C ILE A 77 -14.89 11.94 -20.73
N ILE A 78 -16.09 12.23 -20.21
CA ILE A 78 -16.94 11.19 -19.66
C ILE A 78 -17.35 10.25 -20.79
N HIS A 79 -17.23 8.94 -20.55
CA HIS A 79 -17.52 7.93 -21.58
C HIS A 79 -19.02 7.83 -21.86
N LYS A 80 -19.36 7.26 -23.01
CA LYS A 80 -20.73 7.22 -23.47
C LYS A 80 -21.43 5.87 -23.33
N ASN A 81 -20.79 4.93 -22.64
CA ASN A 81 -21.42 3.64 -22.29
C ASN A 81 -22.34 3.81 -21.10
N LEU A 82 -23.17 4.83 -21.21
CA LEU A 82 -24.07 5.23 -20.16
C LEU A 82 -25.30 5.74 -20.86
N THR A 83 -26.43 5.72 -20.16
CA THR A 83 -27.64 6.32 -20.71
C THR A 83 -27.36 7.80 -20.81
N PRO A 84 -28.09 8.50 -21.71
CA PRO A 84 -27.88 9.93 -21.78
C PRO A 84 -28.12 10.62 -20.44
N ASP A 85 -29.09 10.13 -19.65
CA ASP A 85 -29.39 10.69 -18.32
C ASP A 85 -28.22 10.55 -17.35
N GLU A 86 -27.68 9.33 -17.25
CA GLU A 86 -26.59 9.04 -16.33
C GLU A 86 -25.28 9.73 -16.74
N GLN A 87 -24.98 9.74 -18.04
CA GLN A 87 -23.84 10.51 -18.55
C GLN A 87 -23.96 12.02 -18.19
N ALA A 88 -25.17 12.57 -18.25
CA ALA A 88 -25.43 13.98 -17.90
C ALA A 88 -25.23 14.20 -16.41
N ARG A 89 -25.71 13.25 -15.60
CA ARG A 89 -25.52 13.29 -14.16
C ARG A 89 -24.03 13.33 -13.84
N GLN A 90 -23.23 12.52 -14.55
CA GLN A 90 -21.79 12.49 -14.30
C GLN A 90 -21.15 13.87 -14.59
N VAL A 91 -21.49 14.46 -15.74
CA VAL A 91 -21.10 15.84 -16.02
C VAL A 91 -21.50 16.86 -14.93
N SER A 92 -22.73 16.71 -14.41
CA SER A 92 -23.24 17.59 -13.37
C SER A 92 -22.41 17.48 -12.10
N ILE A 93 -22.08 16.24 -11.72
CA ILE A 93 -21.26 16.02 -10.54
C ILE A 93 -19.95 16.82 -10.68
N VAL A 94 -19.33 16.77 -11.86
CA VAL A 94 -18.07 17.47 -12.04
C VAL A 94 -18.30 18.97 -11.99
N LYS A 95 -19.41 19.42 -12.56
CA LYS A 95 -19.69 20.84 -12.62
C LYS A 95 -20.04 21.41 -11.24
N LYS A 96 -20.62 20.60 -10.38
CA LYS A 96 -21.05 21.10 -9.08
C LYS A 96 -20.09 20.70 -7.93
N THR A 97 -18.81 20.53 -8.25
CA THR A 97 -17.73 20.20 -7.30
C THR A 97 -17.79 20.92 -5.95
N ILE A 209 -13.15 25.81 1.25
CA ILE A 209 -12.38 26.70 0.39
C ILE A 209 -10.89 26.35 0.32
N MET A 210 -10.43 25.53 1.25
CA MET A 210 -9.10 24.95 1.12
C MET A 210 -9.07 24.05 -0.10
N SER A 211 -10.19 23.35 -0.34
CA SER A 211 -10.37 22.51 -1.53
C SER A 211 -10.02 23.23 -2.85
N VAL A 212 -10.28 24.54 -2.90
CA VAL A 212 -9.98 25.38 -4.07
C VAL A 212 -8.53 25.85 -4.03
N ILE A 213 -8.12 26.42 -2.89
CA ILE A 213 -6.76 26.87 -2.67
C ILE A 213 -5.74 25.78 -2.94
N GLU A 214 -6.01 24.56 -2.47
CA GLU A 214 -5.07 23.45 -2.60
C GLU A 214 -4.89 22.98 -4.04
N HIS A 215 -5.77 23.38 -4.96
CA HIS A 215 -5.63 22.96 -6.36
C HIS A 215 -5.42 24.12 -7.32
N PRO A 216 -4.25 24.77 -7.24
CA PRO A 216 -4.10 26.03 -8.00
C PRO A 216 -4.05 25.89 -9.52
N ASN A 217 -3.87 24.68 -10.03
CA ASN A 217 -3.71 24.48 -11.46
C ASN A 217 -5.01 24.05 -12.13
N ALA A 218 -6.06 23.98 -11.33
CA ALA A 218 -7.36 23.44 -11.71
C ALA A 218 -7.84 24.11 -12.97
N ALA A 219 -8.31 23.30 -13.91
CA ALA A 219 -8.85 23.78 -15.18
C ALA A 219 -10.34 24.10 -15.02
N ARG A 220 -10.72 25.36 -15.17
CA ARG A 220 -12.07 25.83 -14.83
C ARG A 220 -12.69 26.55 -16.02
N ASP A 221 -14.03 26.58 -16.07
CA ASP A 221 -14.68 27.34 -17.11
C ASP A 221 -14.76 28.83 -16.72
N GLU A 222 -15.48 29.59 -17.54
CA GLU A 222 -15.63 31.05 -17.34
C GLU A 222 -16.43 31.40 -16.08
N LYS A 223 -17.09 30.41 -15.49
CA LYS A 223 -17.90 30.57 -14.29
C LYS A 223 -17.21 30.04 -13.04
N GLY A 224 -15.99 29.51 -13.18
CA GLY A 224 -15.22 29.02 -12.03
C GLY A 224 -15.41 27.55 -11.71
N ARG A 225 -16.18 26.84 -12.54
CA ARG A 225 -16.43 25.43 -12.33
C ARG A 225 -15.39 24.61 -13.10
N LEU A 226 -15.01 23.49 -12.50
CA LEU A 226 -14.13 22.52 -13.15
C LEU A 226 -14.64 22.19 -14.55
N LEU A 227 -13.72 22.13 -15.52
CA LEU A 227 -14.04 21.77 -16.89
C LEU A 227 -14.30 20.29 -16.96
N VAL A 228 -15.14 19.89 -17.90
CA VAL A 228 -15.42 18.47 -18.14
C VAL A 228 -15.92 18.30 -19.58
N GLY A 229 -15.64 17.14 -20.16
CA GLY A 229 -16.12 16.84 -21.49
C GLY A 229 -16.98 15.57 -21.47
N ALA A 230 -17.65 15.30 -22.59
CA ALA A 230 -18.41 14.06 -22.69
C ALA A 230 -18.36 13.55 -24.10
N ALA A 231 -18.32 12.22 -24.23
CA ALA A 231 -18.29 11.59 -25.55
C ALA A 231 -19.68 11.30 -26.10
N VAL A 232 -19.85 11.51 -27.42
CA VAL A 232 -21.04 11.04 -28.09
C VAL A 232 -20.57 10.26 -29.31
N GLY A 233 -21.50 9.54 -29.92
CA GLY A 233 -21.22 8.80 -31.12
C GLY A 233 -21.96 9.44 -32.26
N THR A 234 -22.52 8.61 -33.12
CA THR A 234 -23.24 9.09 -34.32
C THR A 234 -24.54 8.30 -34.46
N SER A 235 -24.92 7.58 -33.40
CA SER A 235 -26.12 6.75 -33.38
C SER A 235 -27.36 7.61 -33.13
N PRO A 236 -28.59 7.02 -33.22
CA PRO A 236 -29.82 7.84 -33.20
C PRO A 236 -30.05 8.72 -31.96
N GLU A 237 -29.60 8.27 -30.78
CA GLU A 237 -29.72 9.08 -29.55
C GLU A 237 -28.75 10.29 -29.51
N THR A 238 -27.86 10.40 -30.49
CA THR A 238 -26.80 11.41 -30.36
C THR A 238 -27.31 12.80 -29.94
N MET A 239 -28.32 13.34 -30.63
CA MET A 239 -28.78 14.71 -30.29
C MET A 239 -29.43 14.81 -28.91
N GLU A 240 -30.17 13.76 -28.54
CA GLU A 240 -30.70 13.61 -27.19
C GLU A 240 -29.58 13.77 -26.19
N ARG A 241 -28.52 13.00 -26.37
CA ARG A 241 -27.33 13.05 -25.52
C ARG A 241 -26.71 14.45 -25.46
N VAL A 242 -26.40 15.01 -26.62
CA VAL A 242 -25.89 16.37 -26.75
C VAL A 242 -26.70 17.41 -25.94
N GLU A 243 -28.03 17.42 -26.15
CA GLU A 243 -28.93 18.33 -25.45
C GLU A 243 -28.79 18.22 -23.94
N LYS A 244 -28.84 16.99 -23.41
CA LYS A 244 -28.71 16.77 -21.97
C LYS A 244 -27.33 17.09 -21.39
N LEU A 245 -26.30 16.88 -22.20
CA LEU A 245 -24.95 17.16 -21.77
C LEU A 245 -24.78 18.67 -21.67
N VAL A 246 -25.34 19.38 -22.66
CA VAL A 246 -25.26 20.84 -22.71
C VAL A 246 -25.96 21.47 -21.53
N LYS A 247 -27.14 20.95 -21.19
CA LYS A 247 -27.92 21.43 -20.07
C LYS A 247 -27.29 21.09 -18.73
N ALA A 248 -26.52 20.00 -18.70
CA ALA A 248 -25.70 19.68 -17.52
C ALA A 248 -24.48 20.58 -17.40
N GLY A 249 -24.22 21.42 -18.38
CA GLY A 249 -23.07 22.33 -18.34
C GLY A 249 -21.76 21.80 -18.90
N VAL A 250 -21.83 20.80 -19.78
CA VAL A 250 -20.61 20.28 -20.45
C VAL A 250 -19.90 21.38 -21.25
N ASP A 251 -18.56 21.36 -21.17
CA ASP A 251 -17.73 22.38 -21.75
C ASP A 251 -17.38 22.02 -23.19
N VAL A 252 -17.30 20.73 -23.44
CA VAL A 252 -16.87 20.19 -24.74
C VAL A 252 -17.49 18.84 -25.04
N ILE A 253 -17.95 18.71 -26.28
CA ILE A 253 -18.43 17.44 -26.80
C ILE A 253 -17.35 16.79 -27.64
N VAL A 254 -17.10 15.50 -27.39
CA VAL A 254 -16.18 14.73 -28.23
C VAL A 254 -16.98 13.71 -29.11
N ILE A 255 -17.00 13.93 -30.41
CA ILE A 255 -17.48 12.91 -31.34
C ILE A 255 -16.43 11.80 -31.39
N ASP A 256 -16.71 10.77 -30.61
CA ASP A 256 -15.79 9.71 -30.24
C ASP A 256 -16.00 8.43 -31.07
N THR A 257 -15.22 8.29 -32.13
CA THR A 257 -15.34 7.15 -33.05
C THR A 257 -13.96 6.75 -33.50
N ALA A 258 -13.86 5.52 -34.00
CA ALA A 258 -12.59 5.02 -34.46
C ALA A 258 -12.34 5.50 -35.88
N HIS A 259 -13.37 5.95 -36.57
CA HIS A 259 -13.23 6.33 -37.95
C HIS A 259 -13.87 7.67 -38.20
N GLY A 260 -13.13 8.73 -37.90
CA GLY A 260 -13.60 10.09 -38.00
C GLY A 260 -13.83 10.59 -39.41
N HIS A 261 -13.11 10.00 -40.36
CA HIS A 261 -13.15 10.44 -41.76
C HIS A 261 -14.24 9.70 -42.50
N SER A 262 -15.48 9.99 -42.12
CA SER A 262 -16.60 9.23 -42.61
C SER A 262 -17.82 10.14 -42.71
N ARG A 263 -18.71 9.83 -43.64
CA ARG A 263 -19.94 10.58 -43.81
C ARG A 263 -20.66 10.80 -42.48
N ARG A 264 -20.89 9.73 -41.74
CA ARG A 264 -21.68 9.80 -40.52
C ARG A 264 -21.10 10.74 -39.46
N VAL A 265 -19.77 10.79 -39.34
CA VAL A 265 -19.13 11.64 -38.36
C VAL A 265 -19.19 13.06 -38.86
N ILE A 266 -18.92 13.29 -40.13
CA ILE A 266 -19.01 14.62 -40.69
C ILE A 266 -20.44 15.23 -40.48
N GLU A 267 -21.48 14.46 -40.82
CA GLU A 267 -22.85 14.93 -40.66
C GLU A 267 -23.30 15.14 -39.22
N THR A 268 -22.80 14.30 -38.32
CA THR A 268 -23.11 14.45 -36.94
C THR A 268 -22.50 15.77 -36.46
N LEU A 269 -21.28 16.03 -36.90
CA LEU A 269 -20.53 17.20 -36.54
C LEU A 269 -21.25 18.43 -37.06
N GLU A 270 -21.65 18.41 -38.32
CA GLU A 270 -22.41 19.52 -38.89
C GLU A 270 -23.75 19.75 -38.19
N MET A 271 -24.44 18.66 -37.82
CA MET A 271 -25.70 18.80 -37.11
C MET A 271 -25.48 19.40 -35.73
N ILE A 272 -24.49 18.90 -34.99
CA ILE A 272 -24.18 19.44 -33.67
C ILE A 272 -23.84 20.92 -33.81
N LYS A 273 -22.93 21.24 -34.70
CA LYS A 273 -22.55 22.62 -34.97
C LYS A 273 -23.71 23.52 -35.41
N ALA A 274 -24.63 23.01 -36.23
CA ALA A 274 -25.77 23.83 -36.68
C ALA A 274 -26.70 24.17 -35.52
N ASP A 275 -26.90 23.17 -34.64
CA ASP A 275 -27.79 23.29 -33.48
C ASP A 275 -27.13 24.05 -32.33
N TYR A 276 -25.86 23.76 -32.06
CA TYR A 276 -25.09 24.38 -30.97
C TYR A 276 -23.82 25.04 -31.51
N PRO A 277 -23.95 26.16 -32.26
CA PRO A 277 -22.78 26.80 -32.90
C PRO A 277 -21.67 27.20 -31.94
N ASP A 278 -22.02 27.44 -30.67
CA ASP A 278 -21.02 27.90 -29.68
C ASP A 278 -20.46 26.76 -28.84
N LEU A 279 -20.95 25.55 -29.08
CA LEU A 279 -20.50 24.43 -28.25
C LEU A 279 -19.19 23.87 -28.81
N PRO A 280 -18.09 23.87 -28.00
CA PRO A 280 -16.87 23.25 -28.50
C PRO A 280 -17.04 21.79 -28.85
N VAL A 281 -16.64 21.45 -30.08
CA VAL A 281 -16.72 20.05 -30.54
C VAL A 281 -15.35 19.52 -30.98
N VAL A 282 -14.90 18.48 -30.29
CA VAL A 282 -13.76 17.68 -30.75
C VAL A 282 -14.35 16.60 -31.68
N ALA A 283 -13.80 16.46 -32.87
CA ALA A 283 -14.16 15.35 -33.73
C ALA A 283 -12.92 14.48 -34.01
N GLY A 284 -13.14 13.18 -34.15
CA GLY A 284 -12.10 12.25 -34.55
C GLY A 284 -12.71 10.87 -34.55
N ASN A 285 -11.88 9.83 -34.63
CA ASN A 285 -10.41 9.96 -34.85
C ASN A 285 -10.00 9.85 -36.30
N VAL A 286 -8.95 10.56 -36.59
CA VAL A 286 -8.37 10.51 -37.92
C VAL A 286 -6.86 10.32 -37.80
N ALA A 287 -6.24 10.04 -38.93
CA ALA A 287 -4.84 9.76 -39.01
C ALA A 287 -4.23 10.30 -40.29
N THR A 288 -4.97 11.12 -41.03
CA THR A 288 -4.51 11.57 -42.36
C THR A 288 -4.79 13.07 -42.52
N PRO A 289 -3.95 13.79 -43.27
CA PRO A 289 -4.27 15.19 -43.62
C PRO A 289 -5.70 15.43 -44.17
N GLU A 290 -6.15 14.60 -45.13
CA GLU A 290 -7.49 14.75 -45.75
C GLU A 290 -8.60 14.63 -44.71
N GLY A 291 -8.45 13.67 -43.80
CA GLY A 291 -9.39 13.50 -42.70
C GLY A 291 -9.41 14.70 -41.78
N THR A 292 -8.24 15.25 -41.46
CA THR A 292 -8.15 16.41 -40.58
C THR A 292 -8.80 17.62 -41.24
N GLU A 293 -8.46 17.87 -42.51
CA GLU A 293 -9.06 18.97 -43.27
C GLU A 293 -10.57 18.83 -43.41
N ALA A 294 -11.08 17.65 -43.78
CA ALA A 294 -12.54 17.45 -43.81
C ALA A 294 -13.21 17.76 -42.49
N LEU A 295 -12.63 17.33 -41.38
CA LEU A 295 -13.28 17.60 -40.08
C LEU A 295 -13.19 19.09 -39.71
N ILE A 296 -12.08 19.75 -40.04
CA ILE A 296 -11.96 21.20 -39.80
C ILE A 296 -12.98 22.01 -40.65
N LYS A 297 -13.11 21.64 -41.93
CA LYS A 297 -14.05 22.30 -42.83
C LYS A 297 -15.49 22.12 -42.37
N ALA A 298 -15.75 21.08 -41.59
CA ALA A 298 -17.10 20.80 -41.15
C ALA A 298 -17.41 21.40 -39.79
N GLY A 299 -16.41 22.06 -39.18
CA GLY A 299 -16.57 22.85 -37.95
C GLY A 299 -15.88 22.35 -36.69
N ALA A 300 -14.99 21.35 -36.81
CA ALA A 300 -14.32 20.79 -35.63
C ALA A 300 -13.56 21.93 -34.97
N ASP A 301 -13.63 21.96 -33.65
CA ASP A 301 -12.89 22.95 -32.83
C ASP A 301 -11.52 22.41 -32.40
N ALA A 302 -11.30 21.10 -32.58
CA ALA A 302 -10.06 20.36 -32.34
C ALA A 302 -10.24 19.08 -33.12
N VAL A 303 -9.14 18.47 -33.52
CA VAL A 303 -9.23 17.19 -34.22
C VAL A 303 -8.47 16.16 -33.40
N LYS A 304 -9.12 15.02 -33.14
CA LYS A 304 -8.49 13.97 -32.40
C LYS A 304 -7.87 12.95 -33.35
N VAL A 305 -6.57 12.69 -33.15
CA VAL A 305 -5.77 11.93 -34.08
C VAL A 305 -5.37 10.61 -33.44
N GLY A 306 -5.58 9.51 -34.17
CA GLY A 306 -5.24 8.19 -33.63
C GLY A 306 -6.14 7.12 -34.23
N VAL A 307 -5.66 6.49 -35.29
CA VAL A 307 -6.33 5.35 -35.84
C VAL A 307 -5.28 4.26 -35.87
N GLY A 308 -5.49 3.19 -35.10
CA GLY A 308 -4.49 2.13 -35.00
C GLY A 308 -3.20 2.55 -34.31
N PRO A 309 -3.27 3.44 -33.29
CA PRO A 309 -2.01 3.67 -32.61
C PRO A 309 -1.87 2.63 -31.46
N GLY A 310 -0.66 2.12 -31.29
CA GLY A 310 -0.45 0.94 -30.47
C GLY A 310 -0.25 -0.25 -31.41
N SER A 311 0.95 -0.85 -31.31
CA SER A 311 1.38 -1.93 -32.19
C SER A 311 0.46 -3.14 -32.14
N ILE A 312 -0.08 -3.44 -30.96
CA ILE A 312 -0.86 -4.65 -30.76
C ILE A 312 -2.36 -4.37 -30.53
N CYS A 313 -2.82 -3.19 -30.94
CA CYS A 313 -4.22 -2.78 -30.73
C CYS A 313 -5.20 -3.55 -31.63
N THR A 314 -6.48 -3.52 -31.26
CA THR A 314 -7.56 -4.16 -32.04
C THR A 314 -7.69 -3.75 -33.52
N THR A 315 -7.70 -2.45 -33.81
CA THR A 315 -7.85 -1.94 -35.18
C THR A 315 -6.83 -2.53 -36.15
N ARG A 316 -5.55 -2.53 -35.75
CA ARG A 316 -4.44 -3.07 -36.54
C ARG A 316 -4.58 -4.55 -36.81
N VAL A 317 -4.77 -5.32 -35.75
CA VAL A 317 -4.82 -6.79 -35.82
C VAL A 317 -6.07 -7.30 -36.57
N VAL A 318 -7.21 -6.71 -36.19
CA VAL A 318 -8.52 -7.17 -36.63
C VAL A 318 -8.84 -6.62 -38.04
N ALA A 319 -8.49 -5.35 -38.26
CA ALA A 319 -8.85 -4.65 -39.50
C ALA A 319 -7.69 -4.42 -40.46
N GLY A 320 -6.46 -4.53 -39.98
CA GLY A 320 -5.26 -4.33 -40.78
C GLY A 320 -5.01 -2.88 -41.01
N VAL A 321 -5.69 -2.05 -40.21
CA VAL A 321 -5.73 -0.62 -40.46
C VAL A 321 -5.00 0.17 -39.34
N GLY A 322 -4.24 1.21 -39.73
CA GLY A 322 -3.62 2.13 -38.76
C GLY A 322 -2.67 3.10 -39.43
N VAL A 323 -2.35 4.20 -38.72
CA VAL A 323 -1.16 4.94 -39.04
C VAL A 323 -0.29 5.14 -37.80
N PRO A 324 0.99 4.66 -37.82
CA PRO A 324 1.84 4.94 -36.66
C PRO A 324 1.75 6.40 -36.24
N GLN A 325 1.70 6.63 -34.95
CA GLN A 325 1.20 7.89 -34.39
C GLN A 325 2.09 9.11 -34.51
N LEU A 326 3.41 8.93 -34.50
CA LEU A 326 4.26 10.09 -34.76
C LEU A 326 3.96 10.71 -36.12
N THR A 327 4.01 9.90 -37.18
CA THR A 327 3.66 10.37 -38.54
C THR A 327 2.21 10.92 -38.66
N ALA A 328 1.24 10.30 -37.98
CA ALA A 328 -0.15 10.73 -38.09
C ALA A 328 -0.26 12.12 -37.44
N VAL A 329 0.38 12.30 -36.28
CA VAL A 329 0.40 13.64 -35.63
C VAL A 329 1.06 14.74 -36.47
N MET A 330 2.20 14.44 -37.06
CA MET A 330 2.95 15.41 -37.84
C MET A 330 2.23 15.87 -39.12
N GLU A 331 1.66 14.93 -39.87
CA GLU A 331 0.94 15.29 -41.10
C GLU A 331 -0.40 15.93 -40.82
N CYS A 332 -1.07 15.49 -39.75
CA CYS A 332 -2.36 16.07 -39.43
C CYS A 332 -2.19 17.47 -38.86
N SER A 333 -1.19 17.64 -37.98
CA SER A 333 -0.98 18.96 -37.35
C SER A 333 -0.55 19.96 -38.39
N GLU A 334 0.13 19.50 -39.43
CA GLU A 334 0.53 20.41 -40.50
C GLU A 334 -0.69 21.00 -41.23
N VAL A 335 -1.74 20.21 -41.44
CA VAL A 335 -2.97 20.71 -42.06
C VAL A 335 -3.69 21.65 -41.09
N ALA A 336 -3.87 21.16 -39.87
CA ALA A 336 -4.60 21.89 -38.82
C ALA A 336 -4.00 23.27 -38.48
N ARG A 337 -2.68 23.35 -38.45
CA ARG A 337 -2.00 24.62 -38.21
C ARG A 337 -2.43 25.69 -39.15
N LYS A 338 -2.77 25.32 -40.41
CA LYS A 338 -3.20 26.28 -41.47
C LYS A 338 -4.52 26.93 -41.05
N TYR A 339 -5.22 26.27 -40.14
CA TYR A 339 -6.53 26.71 -39.67
C TYR A 339 -6.53 27.05 -38.18
N ASP A 340 -5.36 26.99 -37.55
CA ASP A 340 -5.24 27.24 -36.10
C ASP A 340 -6.25 26.36 -35.29
N VAL A 341 -6.37 25.11 -35.72
CA VAL A 341 -7.16 24.14 -34.97
C VAL A 341 -6.24 23.18 -34.23
N PRO A 342 -6.45 23.01 -32.94
CA PRO A 342 -5.58 22.09 -32.17
C PRO A 342 -5.78 20.59 -32.44
N ILE A 343 -4.67 19.87 -32.47
CA ILE A 343 -4.67 18.45 -32.65
C ILE A 343 -4.55 17.82 -31.24
N ILE A 344 -5.45 16.90 -30.91
CA ILE A 344 -5.30 16.06 -29.69
C ILE A 344 -4.78 14.70 -30.18
N ALA A 345 -3.61 14.28 -29.68
CA ALA A 345 -2.98 12.97 -30.02
C ALA A 345 -3.56 11.93 -29.09
N ASP A 346 -4.28 10.97 -29.66
CA ASP A 346 -4.99 9.99 -28.89
C ASP A 346 -4.42 8.60 -29.15
N GLY A 347 -3.77 8.01 -28.15
CA GLY A 347 -3.36 6.61 -28.25
C GLY A 347 -1.85 6.40 -28.31
N GLY A 348 -1.42 5.29 -27.73
CA GLY A 348 -0.02 4.87 -27.82
C GLY A 348 0.87 5.64 -26.87
N ILE A 349 0.28 6.31 -25.88
CA ILE A 349 1.06 6.99 -24.86
C ILE A 349 1.24 6.04 -23.70
N ARG A 350 2.49 5.62 -23.51
CA ARG A 350 2.84 4.64 -22.49
C ARG A 350 3.64 5.29 -21.39
N TYR A 351 4.40 6.31 -21.78
CA TYR A 351 5.39 6.94 -20.93
C TYR A 351 5.34 8.42 -21.14
N SER A 352 5.79 9.16 -20.13
CA SER A 352 5.77 10.58 -20.16
C SER A 352 6.61 11.04 -21.34
N GLY A 353 7.62 10.28 -21.76
CA GLY A 353 8.42 10.66 -22.94
C GLY A 353 7.61 10.66 -24.23
N ASP A 354 6.55 9.88 -24.27
CA ASP A 354 5.65 9.85 -25.44
C ASP A 354 4.85 11.15 -25.58
N ILE A 355 4.54 11.76 -24.46
CA ILE A 355 3.81 13.05 -24.42
C ILE A 355 4.68 14.14 -25.02
N VAL A 356 5.97 14.15 -24.65
CA VAL A 356 6.89 15.16 -25.17
C VAL A 356 6.97 14.96 -26.65
N LYS A 357 7.07 13.70 -27.06
CA LYS A 357 7.20 13.41 -28.49
C LYS A 357 5.94 13.84 -29.25
N ALA A 358 4.76 13.48 -28.71
CA ALA A 358 3.46 13.82 -29.34
C ALA A 358 3.26 15.33 -29.47
N LEU A 359 3.59 16.07 -28.40
CA LEU A 359 3.45 17.49 -28.40
C LEU A 359 4.49 18.12 -29.31
N ALA A 360 5.74 17.66 -29.26
CA ALA A 360 6.78 18.06 -30.20
C ALA A 360 6.41 17.82 -31.69
N ALA A 361 5.71 16.73 -31.95
CA ALA A 361 5.25 16.41 -33.32
C ALA A 361 4.09 17.28 -33.82
N GLY A 362 3.55 18.17 -32.99
CA GLY A 362 2.46 19.05 -33.40
C GLY A 362 1.13 18.96 -32.63
N ALA A 363 0.93 17.93 -31.83
CA ALA A 363 -0.21 17.88 -30.93
C ALA A 363 -0.16 18.98 -29.86
N GLU A 364 -1.33 19.49 -29.45
CA GLU A 364 -1.37 20.44 -28.34
C GLU A 364 -1.88 19.80 -27.07
N SER A 365 -2.39 18.59 -27.18
CA SER A 365 -2.68 17.82 -25.97
C SER A 365 -2.69 16.36 -26.30
N VAL A 366 -2.77 15.48 -25.29
CA VAL A 366 -2.72 14.07 -25.51
C VAL A 366 -3.83 13.44 -24.74
N MET A 367 -4.47 12.49 -25.38
CA MET A 367 -5.50 11.76 -24.68
C MET A 367 -4.91 10.44 -24.21
N VAL A 368 -5.17 10.10 -22.95
CA VAL A 368 -4.60 8.88 -22.38
C VAL A 368 -5.64 8.08 -21.65
N GLY A 369 -5.55 6.75 -21.79
CA GLY A 369 -6.50 5.84 -21.19
C GLY A 369 -5.88 4.86 -20.21
N SER A 370 -5.14 3.91 -20.76
CA SER A 370 -4.54 2.83 -20.02
C SER A 370 -3.73 3.34 -18.83
N ILE A 371 -3.02 4.45 -19.02
CA ILE A 371 -2.26 5.09 -17.94
C ILE A 371 -3.16 5.53 -16.75
N PHE A 372 -4.36 6.06 -17.01
CA PHE A 372 -5.28 6.46 -15.94
C PHE A 372 -6.16 5.31 -15.42
N ALA A 373 -6.15 4.19 -16.15
CA ALA A 373 -6.97 3.05 -15.78
C ALA A 373 -6.54 2.47 -14.43
N GLY A 374 -5.29 2.70 -14.02
CA GLY A 374 -4.82 2.15 -12.75
C GLY A 374 -4.93 3.07 -11.53
N THR A 375 -5.61 4.18 -11.68
CA THR A 375 -5.66 5.12 -10.58
C THR A 375 -6.83 4.86 -9.67
N GLU A 376 -6.73 5.36 -8.43
CA GLU A 376 -7.81 5.31 -7.45
C GLU A 376 -9.13 5.77 -8.04
N GLU A 377 -9.10 6.87 -8.82
CA GLU A 377 -10.34 7.53 -9.28
C GLU A 377 -10.99 6.89 -10.51
N ALA A 378 -10.28 5.99 -11.19
CA ALA A 378 -10.87 5.31 -12.33
C ALA A 378 -12.07 4.43 -11.84
N PRO A 379 -13.09 4.22 -12.69
CA PRO A 379 -14.36 3.64 -12.26
C PRO A 379 -14.33 2.37 -11.39
N GLY A 380 -13.43 1.43 -11.66
CA GLY A 380 -13.50 0.13 -10.97
C GLY A 380 -13.22 0.06 -9.47
N GLU A 381 -13.08 -1.15 -8.97
CA GLU A 381 -12.80 -1.33 -7.56
C GLU A 381 -11.31 -1.52 -7.31
N THR A 382 -10.81 -0.96 -6.21
CA THR A 382 -9.46 -1.26 -5.73
C THR A 382 -9.50 -2.52 -4.85
N ILE A 383 -8.62 -3.47 -5.15
CA ILE A 383 -8.61 -4.78 -4.49
C ILE A 383 -7.17 -5.13 -4.08
N LEU A 384 -7.02 -6.05 -3.13
CA LEU A 384 -5.71 -6.57 -2.78
C LEU A 384 -5.59 -8.00 -3.27
N TYR A 385 -4.55 -8.27 -4.06
CA TYR A 385 -4.28 -9.61 -4.50
C TYR A 385 -2.82 -10.00 -4.28
N GLN A 386 -2.62 -10.92 -3.33
CA GLN A 386 -1.29 -11.43 -3.00
C GLN A 386 -0.29 -10.29 -2.75
N GLY A 387 -0.61 -9.46 -1.76
CA GLY A 387 0.26 -8.37 -1.36
C GLY A 387 0.34 -7.17 -2.30
N ARG A 388 -0.30 -7.26 -3.47
CA ARG A 388 -0.27 -6.16 -4.44
C ARG A 388 -1.63 -5.51 -4.66
N LYS A 389 -1.62 -4.18 -4.84
CA LYS A 389 -2.83 -3.44 -5.17
C LYS A 389 -3.14 -3.44 -6.66
N TYR A 390 -4.41 -3.67 -6.98
CA TYR A 390 -4.86 -3.68 -8.35
C TYR A 390 -6.13 -2.84 -8.50
N LYS A 391 -6.44 -2.53 -9.75
CA LYS A 391 -7.65 -1.83 -10.07
C LYS A 391 -8.45 -2.82 -10.90
N ALA A 392 -9.47 -3.41 -10.28
CA ALA A 392 -10.37 -4.33 -10.95
C ALA A 392 -11.24 -3.57 -11.95
N TYR A 393 -10.95 -3.76 -13.24
CA TYR A 393 -11.71 -3.13 -14.33
C TYR A 393 -12.98 -3.92 -14.69
N ARG A 394 -13.87 -3.28 -15.43
CA ARG A 394 -15.12 -3.88 -15.88
C ARG A 394 -15.74 -2.95 -16.94
N GLY A 395 -15.59 -3.33 -18.21
CA GLY A 395 -15.98 -2.51 -19.34
C GLY A 395 -16.98 -3.17 -20.27
N MET A 396 -17.10 -2.62 -21.48
CA MET A 396 -18.09 -3.09 -22.46
C MET A 396 -17.45 -3.93 -23.55
N GLY A 422 -19.99 -8.97 -21.53
CA GLY A 422 -18.94 -7.96 -21.44
C GLY A 422 -17.56 -8.46 -21.00
N ILE A 423 -16.59 -7.55 -20.99
CA ILE A 423 -15.20 -7.86 -20.62
C ILE A 423 -14.91 -7.40 -19.17
N GLU A 424 -13.96 -8.10 -18.54
CA GLU A 424 -13.56 -7.84 -17.15
C GLU A 424 -12.04 -7.99 -17.00
N GLY A 425 -11.47 -7.36 -15.98
CA GLY A 425 -10.01 -7.33 -15.83
C GLY A 425 -9.45 -6.78 -14.54
N MET A 426 -8.16 -6.44 -14.59
CA MET A 426 -7.38 -6.13 -13.40
C MET A 426 -6.07 -5.55 -13.89
N VAL A 427 -5.85 -4.27 -13.61
CA VAL A 427 -4.57 -3.60 -13.89
C VAL A 427 -3.86 -3.18 -12.62
N PRO A 428 -2.53 -3.13 -12.62
CA PRO A 428 -1.80 -2.65 -11.44
C PRO A 428 -2.24 -1.25 -10.99
N TYR A 429 -2.39 -1.11 -9.68
CA TYR A 429 -2.75 0.16 -9.10
C TYR A 429 -1.56 1.10 -9.12
N LYS A 430 -1.79 2.30 -9.65
CA LYS A 430 -0.72 3.26 -9.90
C LYS A 430 -0.79 4.47 -8.96
N GLY A 431 -1.77 4.50 -8.09
CA GLY A 431 -1.89 5.61 -7.16
C GLY A 431 -3.09 6.45 -7.50
N THR A 432 -3.05 7.71 -7.12
CA THR A 432 -4.11 8.65 -7.45
C THR A 432 -3.85 9.27 -8.82
N VAL A 433 -4.87 9.91 -9.39
CA VAL A 433 -4.71 10.73 -10.58
C VAL A 433 -3.57 11.75 -10.35
N LYS A 434 -3.57 12.40 -9.18
CA LYS A 434 -2.53 13.37 -8.81
C LYS A 434 -1.10 12.85 -8.94
N ASP A 435 -0.84 11.66 -8.38
CA ASP A 435 0.43 10.98 -8.50
C ASP A 435 0.87 10.71 -9.92
N VAL A 436 -0.07 10.24 -10.72
CA VAL A 436 0.19 9.86 -12.09
C VAL A 436 0.50 11.14 -12.91
N VAL A 437 -0.33 12.17 -12.73
CA VAL A 437 -0.15 13.47 -13.39
C VAL A 437 1.24 14.06 -13.07
N HIS A 438 1.60 14.04 -11.79
CA HIS A 438 2.89 14.53 -11.30
C HIS A 438 4.05 13.87 -12.04
N GLN A 439 4.02 12.55 -12.17
CA GLN A 439 5.07 11.88 -12.91
C GLN A 439 5.05 12.30 -14.38
N LEU A 440 3.86 12.30 -14.98
CA LEU A 440 3.76 12.65 -16.39
C LEU A 440 4.22 14.04 -16.66
N VAL A 441 3.79 14.97 -15.80
CA VAL A 441 4.13 16.39 -15.90
C VAL A 441 5.62 16.58 -15.60
N GLY A 442 6.11 15.86 -14.59
CA GLY A 442 7.54 15.79 -14.34
C GLY A 442 8.29 15.46 -15.63
N GLY A 443 7.93 14.34 -16.28
CA GLY A 443 8.63 13.93 -17.49
C GLY A 443 8.49 14.96 -18.62
N LEU A 444 7.32 15.55 -18.76
CA LEU A 444 7.12 16.59 -19.78
C LEU A 444 8.03 17.78 -19.54
N ARG A 445 8.04 18.28 -18.32
CA ARG A 445 8.92 19.38 -17.91
C ARG A 445 10.40 19.10 -18.20
N SER A 446 10.85 17.91 -17.81
CA SER A 446 12.23 17.51 -18.08
C SER A 446 12.54 17.48 -19.58
N GLY A 447 11.63 16.92 -20.40
CA GLY A 447 11.83 16.93 -21.86
C GLY A 447 11.89 18.33 -22.46
N MET A 448 10.97 19.17 -22.05
CA MET A 448 11.01 20.58 -22.35
C MET A 448 12.27 21.25 -21.86
N GLY A 449 12.68 20.99 -20.63
CA GLY A 449 13.98 21.46 -20.16
C GLY A 449 15.13 21.13 -21.13
N TYR A 450 15.17 19.89 -21.64
CA TYR A 450 16.25 19.34 -22.45
C TYR A 450 16.34 20.02 -23.80
N ILE A 451 15.22 20.53 -24.26
CA ILE A 451 15.04 21.06 -25.57
C ILE A 451 15.08 22.57 -25.51
N GLY A 452 15.08 23.07 -24.27
CA GLY A 452 15.13 24.51 -24.03
C GLY A 452 13.81 25.16 -24.38
N ALA A 453 12.70 24.42 -24.27
CA ALA A 453 11.39 24.99 -24.65
C ALA A 453 10.64 25.55 -23.45
N ARG A 454 10.25 26.81 -23.55
CA ARG A 454 9.59 27.51 -22.44
C ARG A 454 8.09 27.22 -22.41
N THR A 455 7.56 26.87 -23.58
CA THR A 455 6.14 26.69 -23.82
C THR A 455 5.94 25.53 -24.80
N ILE A 456 4.71 25.08 -24.93
CA ILE A 456 4.44 24.00 -25.84
C ILE A 456 4.67 24.46 -27.28
N LYS A 457 4.36 25.73 -27.56
CA LYS A 457 4.59 26.27 -28.88
C LYS A 457 6.08 26.25 -29.18
N GLU A 458 6.92 26.58 -28.20
CA GLU A 458 8.35 26.56 -28.44
C GLU A 458 8.90 25.16 -28.63
N LEU A 459 8.31 24.22 -27.91
CA LEU A 459 8.68 22.82 -28.02
C LEU A 459 8.51 22.34 -29.44
N GLN A 460 7.42 22.77 -30.08
CA GLN A 460 7.13 22.38 -31.46
C GLN A 460 8.08 23.09 -32.43
N GLU A 461 8.46 24.33 -32.11
CA GLU A 461 9.40 25.09 -32.97
C GLU A 461 10.83 24.61 -32.82
N LYS A 462 11.19 24.10 -31.64
CA LYS A 462 12.56 23.69 -31.34
C LYS A 462 12.81 22.18 -31.54
N ALA A 463 11.74 21.43 -31.78
CA ALA A 463 11.77 19.99 -31.95
C ALA A 463 12.70 19.54 -33.08
N VAL A 464 13.73 18.79 -32.74
CA VAL A 464 14.51 18.07 -33.73
C VAL A 464 14.45 16.57 -33.38
N PHE A 465 13.90 15.78 -34.28
CA PHE A 465 13.77 14.35 -34.05
C PHE A 465 14.87 13.63 -34.77
N VAL A 466 15.30 12.49 -34.21
CA VAL A 466 16.07 11.51 -34.96
C VAL A 466 15.41 10.15 -34.87
N LYS A 467 15.58 9.38 -35.92
CA LYS A 467 15.02 8.07 -36.01
C LYS A 467 16.07 7.12 -35.49
N ILE A 468 15.63 6.14 -34.72
CA ILE A 468 16.53 5.18 -34.13
C ILE A 468 16.12 3.79 -34.64
N THR A 469 16.96 2.79 -34.45
CA THR A 469 16.63 1.44 -34.95
C THR A 469 15.96 0.59 -33.85
N MET B 13 10.09 -44.55 24.80
CA MET B 13 10.26 -43.15 24.31
C MET B 13 8.96 -42.37 24.24
N LYS B 14 8.93 -41.25 24.95
CA LYS B 14 7.73 -40.42 25.00
C LYS B 14 7.54 -39.71 23.68
N GLU B 15 6.29 -39.58 23.27
CA GLU B 15 5.96 -38.73 22.13
C GLU B 15 5.73 -37.32 22.68
N ALA B 16 6.18 -36.31 21.95
CA ALA B 16 5.96 -34.95 22.38
C ALA B 16 5.19 -34.30 21.27
N LEU B 17 4.35 -33.31 21.63
CA LEU B 17 3.39 -32.70 20.71
C LEU B 17 3.66 -31.25 20.47
N THR B 18 3.46 -30.79 19.24
CA THR B 18 3.57 -29.38 18.95
C THR B 18 2.15 -28.83 18.92
N PHE B 19 2.02 -27.52 18.78
CA PHE B 19 0.71 -26.88 18.63
C PHE B 19 -0.09 -27.44 17.44
N ASP B 20 0.60 -27.72 16.33
CA ASP B 20 -0.01 -28.26 15.10
C ASP B 20 -0.54 -29.69 15.24
N ASP B 21 -0.06 -30.40 16.23
CA ASP B 21 -0.54 -31.74 16.51
C ASP B 21 -1.91 -31.79 17.15
N VAL B 22 -2.43 -30.66 17.64
CA VAL B 22 -3.62 -30.69 18.49
C VAL B 22 -4.61 -29.61 18.10
N LEU B 23 -5.83 -29.79 18.60
CA LEU B 23 -6.88 -28.81 18.50
C LEU B 23 -7.64 -28.82 19.85
N LEU B 24 -8.16 -27.67 20.22
CA LEU B 24 -9.07 -27.49 21.33
C LEU B 24 -10.49 -27.79 20.93
N VAL B 25 -11.14 -28.54 21.80
CA VAL B 25 -12.52 -28.93 21.62
C VAL B 25 -13.39 -27.75 22.03
N PRO B 26 -14.39 -27.39 21.18
CA PRO B 26 -15.32 -26.34 21.59
C PRO B 26 -16.15 -26.81 22.80
N GLN B 27 -16.52 -25.89 23.69
CA GLN B 27 -17.29 -26.24 24.89
C GLN B 27 -18.45 -25.28 25.04
N TYR B 28 -19.35 -25.59 25.99
CA TYR B 28 -20.47 -24.71 26.26
C TYR B 28 -19.99 -23.29 26.50
N SER B 29 -20.59 -22.33 25.80
CA SER B 29 -20.18 -20.94 25.96
C SER B 29 -21.37 -20.07 26.28
N GLU B 30 -21.23 -19.21 27.28
CA GLU B 30 -22.14 -18.07 27.47
C GLU B 30 -21.43 -16.70 27.34
N VAL B 31 -20.23 -16.69 26.74
CA VAL B 31 -19.46 -15.45 26.61
C VAL B 31 -19.09 -15.19 25.15
N LEU B 32 -19.27 -13.95 24.72
CA LEU B 32 -18.91 -13.55 23.38
C LEU B 32 -17.46 -13.10 23.34
N PRO B 33 -16.79 -13.32 22.19
CA PRO B 33 -15.41 -12.89 22.04
C PRO B 33 -15.13 -11.48 22.61
N LYS B 34 -16.00 -10.51 22.34
CA LYS B 34 -15.80 -9.14 22.83
C LYS B 34 -15.71 -9.01 24.35
N ASP B 35 -16.29 -9.95 25.09
CA ASP B 35 -16.40 -9.87 26.54
C ASP B 35 -15.35 -10.68 27.30
N VAL B 36 -14.59 -11.50 26.59
CA VAL B 36 -13.55 -12.26 27.23
C VAL B 36 -12.45 -11.31 27.74
N LYS B 37 -11.83 -11.69 28.86
CA LYS B 37 -10.73 -10.91 29.40
C LYS B 37 -9.43 -11.56 28.99
N ILE B 38 -8.49 -10.79 28.45
CA ILE B 38 -7.23 -11.36 28.01
C ILE B 38 -6.03 -10.77 28.79
N ASP B 39 -6.30 -9.94 29.80
CA ASP B 39 -5.23 -9.50 30.70
C ASP B 39 -4.59 -10.71 31.41
N THR B 40 -3.31 -10.59 31.78
CA THR B 40 -2.53 -11.73 32.22
C THR B 40 -1.34 -11.25 33.03
N ARG B 41 -0.69 -12.19 33.71
CA ARG B 41 0.58 -11.95 34.37
C ARG B 41 1.69 -12.18 33.39
N LEU B 42 2.63 -11.26 33.38
CA LEU B 42 3.90 -11.47 32.75
C LEU B 42 4.81 -12.20 33.71
N THR B 43 4.99 -11.60 34.90
CA THR B 43 5.79 -12.23 35.93
C THR B 43 4.88 -12.38 37.12
N ARG B 44 5.38 -12.88 38.22
CA ARG B 44 4.54 -12.99 39.40
C ARG B 44 4.09 -11.58 39.91
N GLN B 45 4.83 -10.51 39.57
CA GLN B 45 4.48 -9.15 40.03
C GLN B 45 4.03 -8.17 38.96
N ILE B 46 4.16 -8.53 37.68
CA ILE B 46 3.81 -7.63 36.57
C ILE B 46 2.61 -8.20 35.77
N ARG B 47 1.59 -7.39 35.58
CA ARG B 47 0.49 -7.78 34.74
C ARG B 47 0.59 -7.02 33.44
N ILE B 48 0.19 -7.66 32.35
CA ILE B 48 0.03 -6.98 31.07
C ILE B 48 -1.42 -7.13 30.61
N ASN B 49 -1.84 -6.29 29.67
CA ASN B 49 -3.24 -6.22 29.33
C ASN B 49 -3.64 -7.16 28.19
N ILE B 50 -2.65 -7.64 27.45
CA ILE B 50 -2.85 -8.65 26.42
C ILE B 50 -1.67 -9.61 26.58
N PRO B 51 -1.85 -10.91 26.25
CA PRO B 51 -0.80 -11.87 26.63
C PRO B 51 0.36 -11.99 25.63
N LEU B 52 0.80 -10.85 25.10
CA LEU B 52 1.79 -10.85 24.05
C LEU B 52 3.06 -10.16 24.51
N VAL B 53 4.17 -10.89 24.39
CA VAL B 53 5.50 -10.34 24.67
C VAL B 53 6.31 -10.35 23.36
N SER B 54 6.96 -9.26 23.01
CA SER B 54 7.72 -9.34 21.77
C SER B 54 9.12 -9.88 22.01
N ALA B 55 9.63 -10.67 21.06
CA ALA B 55 10.99 -11.28 21.13
C ALA B 55 12.14 -10.28 21.26
N ALA B 56 13.14 -10.64 22.05
CA ALA B 56 14.36 -9.85 22.24
C ALA B 56 15.33 -10.13 21.09
N MET B 57 14.89 -9.82 19.89
CA MET B 57 15.61 -10.13 18.68
C MET B 57 15.86 -8.81 18.00
N ASP B 58 17.02 -8.68 17.36
CA ASP B 58 17.43 -7.38 16.80
C ASP B 58 16.66 -7.04 15.52
N THR B 59 15.89 -8.01 15.05
CA THR B 59 15.01 -7.80 13.91
C THR B 59 13.61 -7.50 14.41
N VAL B 60 13.40 -7.53 15.73
CA VAL B 60 12.05 -7.42 16.28
C VAL B 60 11.88 -6.19 17.20
N THR B 61 12.67 -6.11 18.28
CA THR B 61 12.33 -5.18 19.35
C THR B 61 13.39 -4.17 19.71
N GLU B 62 13.11 -2.94 19.31
CA GLU B 62 13.72 -1.77 19.89
C GLU B 62 12.57 -0.87 20.35
N ALA B 63 12.90 0.36 20.73
CA ALA B 63 11.96 1.25 21.40
C ALA B 63 10.66 1.44 20.64
N ALA B 64 10.74 1.69 19.33
CA ALA B 64 9.53 1.94 18.55
C ALA B 64 8.52 0.79 18.65
N LEU B 65 8.98 -0.44 18.46
CA LEU B 65 8.09 -1.59 18.56
C LEU B 65 7.68 -1.84 20.01
N ALA B 66 8.63 -1.70 20.94
CA ALA B 66 8.37 -1.84 22.37
C ALA B 66 7.25 -0.90 22.86
N LYS B 67 7.31 0.35 22.41
CA LYS B 67 6.36 1.38 22.79
C LYS B 67 5.00 1.05 22.16
N ALA B 68 5.03 0.68 20.87
CA ALA B 68 3.83 0.35 20.13
C ALA B 68 3.03 -0.80 20.75
N LEU B 69 3.73 -1.78 21.32
CA LEU B 69 3.14 -2.96 21.93
C LEU B 69 2.66 -2.73 23.38
N ALA B 70 3.45 -2.00 24.14
CA ALA B 70 3.03 -1.55 25.44
C ALA B 70 1.71 -0.80 25.34
N ARG B 71 1.58 0.02 24.31
CA ARG B 71 0.40 0.85 24.08
C ARG B 71 -0.84 0.03 23.77
N GLU B 72 -0.64 -1.15 23.19
CA GLU B 72 -1.72 -2.08 22.92
C GLU B 72 -1.92 -2.99 24.13
N GLY B 73 -1.03 -2.91 25.12
CA GLY B 73 -1.24 -3.68 26.35
C GLY B 73 -0.31 -4.85 26.59
N GLY B 74 0.60 -5.05 25.65
CA GLY B 74 1.63 -6.09 25.70
C GLY B 74 2.88 -5.48 26.29
N ILE B 75 4.02 -6.13 26.09
CA ILE B 75 5.29 -5.61 26.55
C ILE B 75 6.37 -6.08 25.59
N GLY B 76 7.26 -5.17 25.22
CA GLY B 76 8.39 -5.53 24.39
C GLY B 76 9.63 -5.77 25.24
N ILE B 77 10.45 -6.73 24.81
CA ILE B 77 11.77 -6.94 25.41
C ILE B 77 12.86 -6.45 24.47
N ILE B 78 13.54 -5.37 24.84
CA ILE B 78 14.60 -4.78 24.00
C ILE B 78 15.74 -5.77 23.86
N HIS B 79 16.20 -5.99 22.63
CA HIS B 79 17.26 -6.96 22.35
C HIS B 79 18.61 -6.51 22.93
N LYS B 80 19.53 -7.45 23.12
CA LYS B 80 20.83 -7.12 23.73
C LYS B 80 22.02 -7.04 22.75
N ASN B 81 21.73 -7.07 21.46
CA ASN B 81 22.76 -6.83 20.43
C ASN B 81 23.02 -5.34 20.28
N LEU B 82 23.17 -4.69 21.43
CA LEU B 82 23.41 -3.27 21.52
C LEU B 82 24.37 -3.11 22.68
N THR B 83 25.12 -2.02 22.72
CA THR B 83 25.93 -1.70 23.91
C THR B 83 25.00 -1.55 25.12
N PRO B 84 25.52 -1.80 26.34
CA PRO B 84 24.71 -1.47 27.52
C PRO B 84 24.10 -0.07 27.49
N ASP B 85 24.86 0.94 27.02
CA ASP B 85 24.37 2.30 26.96
C ASP B 85 23.21 2.47 26.00
N GLU B 86 23.36 1.96 24.79
CA GLU B 86 22.34 2.06 23.76
C GLU B 86 21.08 1.28 24.16
N GLN B 87 21.26 0.13 24.77
CA GLN B 87 20.11 -0.66 25.23
C GLN B 87 19.36 0.12 26.32
N ALA B 88 20.09 0.82 27.19
CA ALA B 88 19.48 1.66 28.23
C ALA B 88 18.74 2.87 27.65
N ARG B 89 19.32 3.48 26.62
CA ARG B 89 18.70 4.58 25.90
C ARG B 89 17.38 4.13 25.29
N GLN B 90 17.37 2.93 24.71
CA GLN B 90 16.15 2.35 24.14
C GLN B 90 15.06 2.22 25.19
N VAL B 91 15.43 1.71 26.37
CA VAL B 91 14.53 1.59 27.50
C VAL B 91 14.00 2.96 27.95
N SER B 92 14.90 3.94 28.02
CA SER B 92 14.56 5.31 28.41
C SER B 92 13.53 5.90 27.45
N ILE B 93 13.71 5.64 26.16
CA ILE B 93 12.83 6.15 25.11
C ILE B 93 11.40 5.63 25.30
N VAL B 94 11.28 4.37 25.68
CA VAL B 94 9.97 3.78 25.95
C VAL B 94 9.36 4.36 27.22
N LYS B 95 10.20 4.62 28.23
CA LYS B 95 9.72 5.12 29.50
C LYS B 95 9.48 6.62 29.40
N SER B 211 -6.97 12.14 22.29
CA SER B 211 -5.53 11.93 22.09
C SER B 211 -5.04 10.64 22.76
N VAL B 212 -4.99 10.65 24.10
CA VAL B 212 -4.56 9.48 24.91
C VAL B 212 -5.60 8.36 24.89
N ILE B 213 -6.87 8.76 24.85
CA ILE B 213 -8.01 7.86 24.75
C ILE B 213 -7.84 6.70 23.76
N GLU B 214 -6.95 6.88 22.78
CA GLU B 214 -6.79 5.95 21.66
C GLU B 214 -6.01 4.69 22.00
N HIS B 215 -5.33 4.70 23.15
CA HIS B 215 -4.64 3.52 23.68
C HIS B 215 -5.14 3.17 25.08
N PRO B 216 -6.41 2.73 25.21
CA PRO B 216 -6.96 2.52 26.53
C PRO B 216 -6.41 1.26 27.22
N ASN B 217 -5.75 0.40 26.46
CA ASN B 217 -5.27 -0.88 27.00
C ASN B 217 -3.79 -0.86 27.35
N ALA B 218 -3.17 0.29 27.21
CA ALA B 218 -1.72 0.45 27.40
C ALA B 218 -1.30 -0.17 28.72
N ALA B 219 -0.23 -0.95 28.66
CA ALA B 219 0.33 -1.57 29.85
C ALA B 219 1.34 -0.57 30.43
N ARG B 220 1.12 -0.19 31.69
CA ARG B 220 1.87 0.89 32.32
C ARG B 220 2.39 0.47 33.69
N ASP B 221 3.46 1.11 34.12
CA ASP B 221 3.98 0.85 35.45
C ASP B 221 3.17 1.59 36.53
N GLU B 222 3.60 1.47 37.78
CA GLU B 222 2.91 2.12 38.90
C GLU B 222 3.02 3.64 38.85
N LYS B 223 3.89 4.15 38.00
CA LYS B 223 4.07 5.60 37.83
C LYS B 223 3.37 6.13 36.57
N GLY B 224 2.70 5.26 35.82
CA GLY B 224 1.98 5.67 34.60
C GLY B 224 2.77 5.61 33.30
N ARG B 225 3.99 5.11 33.36
CA ARG B 225 4.81 4.97 32.17
C ARG B 225 4.64 3.57 31.55
N LEU B 226 4.77 3.51 30.23
CA LEU B 226 4.66 2.26 29.49
C LEU B 226 5.65 1.27 30.02
N LEU B 227 5.19 0.04 30.20
CA LEU B 227 6.08 -1.03 30.59
C LEU B 227 7.04 -1.38 29.47
N VAL B 228 8.24 -1.81 29.85
CA VAL B 228 9.20 -2.33 28.91
C VAL B 228 10.13 -3.34 29.60
N GLY B 229 10.59 -4.33 28.84
CA GLY B 229 11.64 -5.21 29.31
C GLY B 229 12.93 -5.09 28.52
N ALA B 230 13.98 -5.72 29.03
CA ALA B 230 15.23 -5.81 28.31
C ALA B 230 15.94 -7.14 28.56
N ALA B 231 16.66 -7.59 27.53
CA ALA B 231 17.34 -8.86 27.55
C ALA B 231 18.77 -8.70 28.06
N VAL B 232 19.22 -9.65 28.87
CA VAL B 232 20.64 -9.75 29.18
C VAL B 232 21.04 -11.20 28.95
N GLY B 233 22.34 -11.43 28.84
CA GLY B 233 22.88 -12.78 28.78
C GLY B 233 23.51 -13.18 30.09
N THR B 234 24.66 -13.84 30.00
CA THR B 234 25.37 -14.35 31.17
C THR B 234 26.85 -14.05 31.04
N SER B 235 27.17 -13.12 30.14
CA SER B 235 28.51 -12.75 29.77
C SER B 235 29.05 -11.67 30.74
N PRO B 236 30.36 -11.34 30.67
CA PRO B 236 31.01 -10.42 31.63
C PRO B 236 30.28 -9.09 31.87
N GLU B 237 29.70 -8.52 30.83
CA GLU B 237 29.04 -7.22 30.98
C GLU B 237 27.64 -7.32 31.60
N THR B 238 27.19 -8.52 31.97
CA THR B 238 25.79 -8.69 32.40
C THR B 238 25.39 -7.70 33.52
N MET B 239 26.18 -7.60 34.59
CA MET B 239 25.81 -6.70 35.69
C MET B 239 25.85 -5.22 35.31
N GLU B 240 26.84 -4.83 34.49
CA GLU B 240 26.89 -3.48 33.92
C GLU B 240 25.57 -3.16 33.22
N ARG B 241 25.15 -4.09 32.36
CA ARG B 241 23.87 -3.98 31.65
C ARG B 241 22.66 -3.86 32.59
N VAL B 242 22.59 -4.74 33.58
CA VAL B 242 21.48 -4.76 34.53
C VAL B 242 21.42 -3.43 35.26
N GLU B 243 22.56 -2.96 35.75
CA GLU B 243 22.62 -1.67 36.45
C GLU B 243 22.03 -0.51 35.64
N LYS B 244 22.50 -0.37 34.40
CA LYS B 244 22.08 0.70 33.52
C LYS B 244 20.61 0.57 33.11
N LEU B 245 20.17 -0.68 32.97
CA LEU B 245 18.80 -0.95 32.56
C LEU B 245 17.88 -0.52 33.68
N VAL B 246 18.28 -0.83 34.91
CA VAL B 246 17.51 -0.53 36.11
C VAL B 246 17.38 0.98 36.25
N LYS B 247 18.50 1.68 36.07
CA LYS B 247 18.54 3.13 36.19
C LYS B 247 17.73 3.81 35.08
N ALA B 248 17.69 3.20 33.90
CA ALA B 248 16.82 3.65 32.82
C ALA B 248 15.32 3.40 33.09
N GLY B 249 15.01 2.65 34.16
CA GLY B 249 13.62 2.42 34.55
C GLY B 249 12.99 1.15 34.01
N VAL B 250 13.80 0.18 33.57
CA VAL B 250 13.31 -1.13 33.07
C VAL B 250 12.40 -1.80 34.11
N ASP B 251 11.30 -2.38 33.65
CA ASP B 251 10.33 -3.03 34.53
C ASP B 251 10.69 -4.48 34.80
N VAL B 252 11.39 -5.08 33.84
CA VAL B 252 11.70 -6.49 33.91
C VAL B 252 12.97 -6.82 33.11
N ILE B 253 13.77 -7.71 33.65
CA ILE B 253 14.93 -8.23 32.94
C ILE B 253 14.69 -9.65 32.49
N VAL B 254 15.03 -9.93 31.24
CA VAL B 254 14.92 -11.30 30.72
C VAL B 254 16.32 -11.89 30.56
N ILE B 255 16.67 -12.91 31.36
CA ILE B 255 17.87 -13.68 31.06
C ILE B 255 17.55 -14.52 29.82
N ASP B 256 18.12 -14.07 28.71
CA ASP B 256 17.72 -14.48 27.42
C ASP B 256 18.76 -15.44 26.80
N THR B 257 18.59 -16.74 27.00
CA THR B 257 19.53 -17.72 26.48
C THR B 257 18.77 -18.84 25.84
N ALA B 258 19.48 -19.61 25.03
CA ALA B 258 18.90 -20.78 24.42
C ALA B 258 18.86 -21.95 25.40
N HIS B 259 19.69 -21.93 26.43
CA HIS B 259 19.77 -23.05 27.41
C HIS B 259 19.74 -22.54 28.83
N GLY B 260 18.54 -22.37 29.35
CA GLY B 260 18.34 -21.76 30.65
C GLY B 260 18.66 -22.72 31.77
N HIS B 261 18.68 -24.00 31.46
CA HIS B 261 18.93 -25.01 32.48
C HIS B 261 20.43 -25.28 32.56
N SER B 262 21.17 -24.29 33.05
CA SER B 262 22.60 -24.38 33.09
C SER B 262 23.15 -23.65 34.29
N ARG B 263 24.33 -24.08 34.74
CA ARG B 263 25.03 -23.35 35.79
C ARG B 263 25.09 -21.82 35.58
N ARG B 264 25.58 -21.38 34.41
CA ARG B 264 25.71 -19.96 34.03
C ARG B 264 24.46 -19.15 34.28
N VAL B 265 23.31 -19.65 33.81
CA VAL B 265 22.05 -18.92 33.87
C VAL B 265 21.56 -18.88 35.33
N ILE B 266 21.63 -20.02 36.02
CA ILE B 266 21.20 -20.07 37.39
C ILE B 266 22.01 -19.02 38.19
N GLU B 267 23.34 -19.10 38.10
CA GLU B 267 24.20 -18.16 38.81
C GLU B 267 24.00 -16.70 38.43
N THR B 268 23.73 -16.45 37.16
CA THR B 268 23.46 -15.09 36.74
C THR B 268 22.17 -14.61 37.40
N LEU B 269 21.17 -15.48 37.40
CA LEU B 269 19.88 -15.23 38.02
C LEU B 269 20.01 -14.98 39.51
N GLU B 270 20.79 -15.79 40.20
CA GLU B 270 20.93 -15.61 41.64
C GLU B 270 21.68 -14.32 41.95
N MET B 271 22.66 -13.99 41.12
CA MET B 271 23.40 -12.76 41.31
C MET B 271 22.49 -11.55 41.09
N ILE B 272 21.68 -11.59 40.04
CA ILE B 272 20.81 -10.44 39.73
C ILE B 272 19.83 -10.25 40.88
N LYS B 273 19.21 -11.35 41.26
CA LYS B 273 18.29 -11.38 42.40
C LYS B 273 18.94 -10.94 43.73
N ALA B 274 20.20 -11.32 43.96
CA ALA B 274 20.90 -10.91 45.16
C ALA B 274 21.07 -9.39 45.19
N ASP B 275 21.50 -8.82 44.07
CA ASP B 275 21.74 -7.38 43.93
C ASP B 275 20.46 -6.56 43.83
N TYR B 276 19.50 -7.05 43.06
CA TYR B 276 18.22 -6.33 42.87
C TYR B 276 17.03 -7.24 43.23
N PRO B 277 16.74 -7.41 44.53
CA PRO B 277 15.75 -8.35 45.03
C PRO B 277 14.35 -7.99 44.55
N ASP B 278 14.14 -6.70 44.31
CA ASP B 278 12.82 -6.21 43.86
C ASP B 278 12.64 -6.26 42.35
N LEU B 279 13.71 -6.49 41.60
CA LEU B 279 13.66 -6.44 40.15
C LEU B 279 13.06 -7.70 39.56
N PRO B 280 11.96 -7.57 38.77
CA PRO B 280 11.41 -8.77 38.16
C PRO B 280 12.36 -9.36 37.12
N VAL B 281 12.61 -10.65 37.28
CA VAL B 281 13.51 -11.35 36.33
C VAL B 281 12.83 -12.55 35.71
N VAL B 282 12.82 -12.54 34.38
CA VAL B 282 12.40 -13.68 33.60
C VAL B 282 13.68 -14.46 33.28
N ALA B 283 13.67 -15.75 33.61
CA ALA B 283 14.76 -16.63 33.27
C ALA B 283 14.30 -17.73 32.27
N GLY B 284 15.11 -17.96 31.23
CA GLY B 284 14.91 -19.08 30.29
C GLY B 284 16.08 -19.16 29.33
N ASN B 285 15.96 -19.92 28.23
CA ASN B 285 14.79 -20.78 27.94
C ASN B 285 14.94 -22.23 28.43
N VAL B 286 13.84 -22.82 28.90
CA VAL B 286 13.81 -24.23 29.25
C VAL B 286 12.63 -24.94 28.56
N ALA B 287 12.66 -26.27 28.63
CA ALA B 287 11.67 -27.09 28.01
C ALA B 287 11.32 -28.31 28.88
N THR B 288 11.82 -28.39 30.11
CA THR B 288 11.53 -29.55 30.99
C THR B 288 11.09 -29.12 32.38
N PRO B 289 10.33 -29.97 33.08
CA PRO B 289 10.00 -29.58 34.44
C PRO B 289 11.21 -29.37 35.39
N GLU B 290 12.30 -30.12 35.21
CA GLU B 290 13.47 -30.03 36.10
C GLU B 290 14.13 -28.65 35.92
N GLY B 291 14.25 -28.21 34.68
CA GLY B 291 14.77 -26.88 34.34
C GLY B 291 13.89 -25.79 34.93
N THR B 292 12.57 -25.90 34.74
CA THR B 292 11.61 -24.96 35.32
C THR B 292 11.77 -24.85 36.81
N GLU B 293 11.81 -26.00 37.48
CA GLU B 293 11.94 -26.04 38.93
C GLU B 293 13.26 -25.39 39.33
N ALA B 294 14.34 -25.75 38.64
CA ALA B 294 15.62 -25.22 39.01
C ALA B 294 15.60 -23.70 38.93
N LEU B 295 15.00 -23.16 37.86
CA LEU B 295 14.97 -21.69 37.71
C LEU B 295 14.07 -21.00 38.77
N ILE B 296 12.96 -21.64 39.12
CA ILE B 296 12.07 -21.09 40.18
C ILE B 296 12.77 -21.05 41.54
N LYS B 297 13.47 -22.13 41.89
CA LYS B 297 14.14 -22.21 43.19
C LYS B 297 15.27 -21.20 43.24
N ALA B 298 15.76 -20.77 42.08
CA ALA B 298 16.82 -19.81 41.99
C ALA B 298 16.34 -18.37 41.96
N GLY B 299 15.01 -18.16 41.99
CA GLY B 299 14.44 -16.82 42.10
C GLY B 299 13.75 -16.26 40.87
N ALA B 300 13.52 -17.08 39.84
CA ALA B 300 12.85 -16.62 38.61
C ALA B 300 11.43 -16.15 38.93
N ASP B 301 11.07 -14.98 38.40
CA ASP B 301 9.71 -14.42 38.62
C ASP B 301 8.75 -14.87 37.53
N ALA B 302 9.33 -15.40 36.45
CA ALA B 302 8.60 -16.07 35.36
C ALA B 302 9.61 -17.00 34.77
N VAL B 303 9.16 -18.11 34.21
CA VAL B 303 10.05 -19.00 33.47
C VAL B 303 9.66 -18.94 31.97
N LYS B 304 10.64 -18.77 31.09
CA LYS B 304 10.38 -18.73 29.64
C LYS B 304 10.71 -20.10 29.02
N VAL B 305 9.75 -20.65 28.27
CA VAL B 305 9.80 -22.03 27.83
C VAL B 305 9.90 -22.05 26.33
N GLY B 306 10.86 -22.82 25.83
CA GLY B 306 11.04 -22.92 24.39
C GLY B 306 12.47 -23.24 24.05
N VAL B 307 12.72 -24.50 23.74
CA VAL B 307 14.05 -24.94 23.32
C VAL B 307 13.75 -25.77 22.11
N GLY B 308 14.16 -25.31 20.93
CA GLY B 308 13.83 -26.04 19.72
C GLY B 308 12.34 -26.01 19.40
N PRO B 309 11.67 -24.85 19.62
CA PRO B 309 10.31 -24.84 19.12
C PRO B 309 10.34 -24.28 17.68
N GLY B 310 9.56 -24.88 16.80
CA GLY B 310 9.72 -24.61 15.37
C GLY B 310 10.42 -25.82 14.77
N SER B 311 9.76 -26.42 13.77
CA SER B 311 10.16 -27.67 13.13
C SER B 311 11.56 -27.66 12.47
N ILE B 312 11.93 -26.61 11.74
CA ILE B 312 13.26 -26.59 11.09
C ILE B 312 14.15 -25.46 11.63
N CYS B 313 13.95 -25.14 12.90
CA CYS B 313 14.74 -24.15 13.62
C CYS B 313 16.17 -24.66 13.79
N THR B 314 17.11 -23.73 14.01
CA THR B 314 18.53 -24.09 14.11
C THR B 314 18.93 -25.03 15.26
N THR B 315 18.45 -24.80 16.49
CA THR B 315 18.63 -25.76 17.58
C THR B 315 18.37 -27.21 17.14
N ARG B 316 17.19 -27.47 16.58
CA ARG B 316 16.80 -28.80 16.12
C ARG B 316 17.72 -29.40 15.08
N VAL B 317 17.93 -28.66 13.99
CA VAL B 317 18.76 -29.07 12.88
C VAL B 317 20.23 -29.21 13.24
N VAL B 318 20.75 -28.18 13.92
CA VAL B 318 22.18 -28.06 14.17
C VAL B 318 22.61 -28.91 15.35
N ALA B 319 21.78 -28.92 16.41
CA ALA B 319 22.12 -29.51 17.67
C ALA B 319 21.37 -30.82 17.89
N GLY B 320 20.24 -31.02 17.19
CA GLY B 320 19.50 -32.27 17.37
C GLY B 320 18.66 -32.26 18.63
N VAL B 321 18.48 -31.04 19.16
CA VAL B 321 17.88 -30.82 20.49
C VAL B 321 16.59 -29.99 20.34
N GLY B 322 15.59 -30.39 21.11
CA GLY B 322 14.34 -29.64 21.22
C GLY B 322 13.30 -30.42 22.04
N VAL B 323 12.28 -29.69 22.50
CA VAL B 323 11.07 -30.33 22.98
C VAL B 323 9.87 -29.69 22.31
N PRO B 324 9.05 -30.49 21.58
CA PRO B 324 7.85 -29.93 21.00
C PRO B 324 7.05 -29.08 21.97
N GLN B 325 6.64 -27.92 21.49
CA GLN B 325 6.23 -26.85 22.39
C GLN B 325 4.94 -27.05 23.22
N LEU B 326 3.96 -27.82 22.72
CA LEU B 326 2.74 -28.03 23.48
C LEU B 326 3.12 -28.85 24.71
N THR B 327 3.85 -29.94 24.49
CA THR B 327 4.34 -30.75 25.59
C THR B 327 5.26 -29.97 26.59
N ALA B 328 6.15 -29.13 26.07
CA ALA B 328 7.08 -28.35 26.89
C ALA B 328 6.26 -27.41 27.82
N VAL B 329 5.28 -26.72 27.22
CA VAL B 329 4.40 -25.82 28.03
C VAL B 329 3.61 -26.55 29.11
N MET B 330 3.04 -27.70 28.77
CA MET B 330 2.19 -28.44 29.69
C MET B 330 2.97 -29.00 30.89
N GLU B 331 4.12 -29.61 30.61
CA GLU B 331 4.97 -30.14 31.66
C GLU B 331 5.61 -29.06 32.50
N CYS B 332 6.06 -27.99 31.84
CA CYS B 332 6.71 -26.92 32.60
C CYS B 332 5.70 -26.17 33.47
N SER B 333 4.55 -25.83 32.87
CA SER B 333 3.53 -25.07 33.58
C SER B 333 3.02 -25.87 34.77
N GLU B 334 3.05 -27.20 34.68
CA GLU B 334 2.57 -28.04 35.79
C GLU B 334 3.44 -27.92 37.06
N VAL B 335 4.77 -27.89 36.90
CA VAL B 335 5.71 -27.53 37.97
C VAL B 335 5.53 -26.10 38.50
N ALA B 336 5.52 -25.15 37.58
CA ALA B 336 5.45 -23.74 37.89
C ALA B 336 4.18 -23.35 38.67
N ARG B 337 3.06 -24.02 38.37
CA ARG B 337 1.81 -23.76 39.07
C ARG B 337 1.87 -24.08 40.56
N LYS B 338 2.73 -25.03 40.92
CA LYS B 338 3.03 -25.36 42.30
C LYS B 338 3.61 -24.18 43.08
N TYR B 339 4.23 -23.27 42.35
CA TYR B 339 4.92 -22.15 42.94
C TYR B 339 4.25 -20.85 42.54
N ASP B 340 3.17 -20.93 41.77
CA ASP B 340 2.46 -19.73 41.29
C ASP B 340 3.41 -18.80 40.49
N VAL B 341 4.25 -19.40 39.66
CA VAL B 341 5.13 -18.63 38.76
C VAL B 341 4.63 -18.78 37.31
N PRO B 342 4.49 -17.66 36.57
CA PRO B 342 4.01 -17.76 35.19
C PRO B 342 5.01 -18.26 34.14
N ILE B 343 4.48 -19.02 33.19
CA ILE B 343 5.24 -19.54 32.08
C ILE B 343 5.00 -18.59 30.93
N ILE B 344 6.06 -18.13 30.30
CA ILE B 344 5.99 -17.43 29.00
C ILE B 344 6.38 -18.45 27.93
N ALA B 345 5.45 -18.76 27.02
CA ALA B 345 5.74 -19.72 25.96
C ALA B 345 6.42 -18.99 24.79
N ASP B 346 7.69 -19.34 24.54
CA ASP B 346 8.50 -18.62 23.55
C ASP B 346 8.78 -19.50 22.32
N GLY B 347 8.21 -19.13 21.17
CA GLY B 347 8.56 -19.79 19.91
C GLY B 347 7.48 -20.70 19.35
N GLY B 348 7.48 -20.83 18.03
CA GLY B 348 6.50 -21.68 17.34
C GLY B 348 5.13 -21.05 17.15
N ILE B 349 4.96 -19.77 17.49
CA ILE B 349 3.69 -19.11 17.25
C ILE B 349 3.68 -18.54 15.84
N ARG B 350 2.83 -19.12 15.01
CA ARG B 350 2.69 -18.70 13.64
C ARG B 350 1.36 -17.98 13.43
N TYR B 351 0.36 -18.42 14.17
CA TYR B 351 -1.04 -18.01 14.05
C TYR B 351 -1.64 -17.73 15.37
N SER B 352 -2.69 -16.91 15.36
CA SER B 352 -3.37 -16.57 16.59
C SER B 352 -3.88 -17.85 17.26
N GLY B 353 -4.23 -18.85 16.45
CA GLY B 353 -4.68 -20.16 16.97
C GLY B 353 -3.62 -20.81 17.86
N ASP B 354 -2.34 -20.57 17.55
CA ASP B 354 -1.21 -21.04 18.39
C ASP B 354 -1.21 -20.44 19.80
N ILE B 355 -1.55 -19.16 19.89
CA ILE B 355 -1.67 -18.48 21.19
C ILE B 355 -2.71 -19.12 22.07
N VAL B 356 -3.88 -19.37 21.49
CA VAL B 356 -4.96 -20.00 22.21
C VAL B 356 -4.45 -21.30 22.78
N LYS B 357 -3.78 -22.09 21.94
CA LYS B 357 -3.25 -23.37 22.35
C LYS B 357 -2.23 -23.25 23.45
N ALA B 358 -1.29 -22.33 23.27
CA ALA B 358 -0.19 -22.12 24.22
C ALA B 358 -0.70 -21.71 25.58
N LEU B 359 -1.71 -20.83 25.61
CA LEU B 359 -2.29 -20.33 26.85
C LEU B 359 -3.14 -21.42 27.48
N ALA B 360 -3.88 -22.15 26.66
CA ALA B 360 -4.66 -23.27 27.12
C ALA B 360 -3.78 -24.40 27.69
N ALA B 361 -2.60 -24.62 27.11
CA ALA B 361 -1.63 -25.59 27.68
C ALA B 361 -0.97 -25.18 29.01
N GLY B 362 -1.18 -23.93 29.44
CA GLY B 362 -0.61 -23.48 30.73
C GLY B 362 0.22 -22.22 30.72
N ALA B 363 0.64 -21.74 29.55
CA ALA B 363 1.34 -20.47 29.53
C ALA B 363 0.42 -19.32 29.94
N GLU B 364 0.98 -18.32 30.62
CA GLU B 364 0.22 -17.12 30.83
C GLU B 364 0.53 -16.01 29.82
N SER B 365 1.57 -16.18 29.03
CA SER B 365 1.84 -15.25 27.91
C SER B 365 2.66 -15.97 26.87
N VAL B 366 2.80 -15.36 25.68
CA VAL B 366 3.53 -15.93 24.59
C VAL B 366 4.47 -14.87 24.10
N MET B 367 5.69 -15.30 23.78
CA MET B 367 6.64 -14.43 23.21
C MET B 367 6.63 -14.67 21.71
N VAL B 368 6.62 -13.60 20.93
CA VAL B 368 6.55 -13.72 19.48
C VAL B 368 7.54 -12.80 18.80
N GLY B 369 8.18 -13.33 17.75
CA GLY B 369 9.24 -12.70 17.07
C GLY B 369 8.90 -12.49 15.61
N SER B 370 8.85 -13.57 14.85
CA SER B 370 8.72 -13.42 13.40
C SER B 370 7.41 -12.75 12.99
N ILE B 371 6.34 -13.02 13.74
CA ILE B 371 5.07 -12.31 13.55
C ILE B 371 5.19 -10.76 13.61
N PHE B 372 6.01 -10.23 14.52
CA PHE B 372 6.24 -8.76 14.60
C PHE B 372 7.35 -8.23 13.67
N ALA B 373 8.17 -9.14 13.12
CA ALA B 373 9.27 -8.76 12.26
C ALA B 373 8.76 -7.98 11.04
N GLY B 374 7.52 -8.23 10.61
CA GLY B 374 7.00 -7.50 9.45
C GLY B 374 6.24 -6.21 9.70
N THR B 375 6.31 -5.69 10.93
CA THR B 375 5.52 -4.51 11.25
C THR B 375 6.28 -3.24 11.03
N GLU B 376 5.56 -2.14 10.84
CA GLU B 376 6.18 -0.82 10.67
C GLU B 376 7.22 -0.55 11.74
N GLU B 377 6.88 -0.86 12.99
CA GLU B 377 7.72 -0.49 14.14
C GLU B 377 8.96 -1.35 14.35
N ALA B 378 9.03 -2.50 13.67
CA ALA B 378 10.22 -3.35 13.80
C ALA B 378 11.44 -2.60 13.24
N PRO B 379 12.64 -2.82 13.80
CA PRO B 379 13.84 -2.02 13.50
C PRO B 379 14.14 -1.68 12.04
N GLY B 380 13.96 -2.63 11.11
CA GLY B 380 14.41 -2.42 9.72
C GLY B 380 13.74 -1.32 8.87
N GLU B 381 14.13 -1.25 7.60
CA GLU B 381 13.54 -0.30 6.64
C GLU B 381 12.29 -0.89 5.99
N THR B 382 11.24 -0.09 5.86
CA THR B 382 10.05 -0.45 5.09
C THR B 382 10.36 -0.14 3.59
N ILE B 383 10.25 -1.15 2.73
CA ILE B 383 10.68 -1.05 1.31
C ILE B 383 9.60 -1.50 0.30
N LEU B 384 9.64 -0.95 -0.92
CA LEU B 384 8.72 -1.37 -1.98
C LEU B 384 9.47 -2.11 -3.09
N TYR B 385 9.14 -3.39 -3.25
CA TYR B 385 9.72 -4.22 -4.29
C TYR B 385 8.65 -4.94 -5.11
N GLN B 386 8.62 -4.61 -6.40
CA GLN B 386 7.68 -5.16 -7.36
C GLN B 386 6.24 -5.07 -6.86
N GLY B 387 5.79 -3.85 -6.55
CA GLY B 387 4.42 -3.59 -6.14
C GLY B 387 4.05 -4.09 -4.75
N ARG B 388 5.00 -4.74 -4.07
CA ARG B 388 4.76 -5.31 -2.74
C ARG B 388 5.60 -4.64 -1.67
N LYS B 389 5.02 -4.53 -0.48
CA LYS B 389 5.66 -3.92 0.67
C LYS B 389 6.38 -4.97 1.51
N TYR B 390 7.59 -4.63 1.93
CA TYR B 390 8.41 -5.52 2.71
C TYR B 390 9.09 -4.79 3.83
N LYS B 391 9.58 -5.57 4.80
CA LYS B 391 10.35 -5.05 5.88
C LYS B 391 11.74 -5.64 5.70
N ALA B 392 12.69 -4.75 5.43
CA ALA B 392 14.08 -5.12 5.19
C ALA B 392 14.88 -5.16 6.50
N TYR B 393 15.22 -6.38 6.94
CA TYR B 393 15.88 -6.58 8.23
C TYR B 393 17.40 -6.76 8.13
N ARG B 394 18.06 -6.74 9.29
CA ARG B 394 19.51 -6.91 9.41
C ARG B 394 19.78 -7.42 10.83
N GLY B 395 20.41 -8.59 10.94
CA GLY B 395 20.68 -9.21 12.23
C GLY B 395 22.14 -9.59 12.44
N MET B 396 22.43 -10.19 13.60
CA MET B 396 23.79 -10.65 13.92
C MET B 396 23.96 -12.13 13.65
N GLY B 422 26.97 -11.11 10.01
CA GLY B 422 25.59 -10.63 10.04
C GLY B 422 24.72 -11.13 8.88
N ILE B 423 23.44 -11.33 9.17
CA ILE B 423 22.46 -11.73 8.15
C ILE B 423 21.56 -10.52 7.81
N GLU B 424 20.95 -10.56 6.64
CA GLU B 424 20.09 -9.48 6.17
C GLU B 424 19.01 -10.12 5.32
N GLY B 425 17.89 -9.43 5.14
CA GLY B 425 16.85 -9.98 4.29
C GLY B 425 15.53 -9.26 4.33
N MET B 426 14.46 -9.97 3.99
CA MET B 426 13.20 -9.35 3.66
C MET B 426 12.04 -10.18 4.11
N VAL B 427 11.13 -9.58 4.88
CA VAL B 427 9.88 -10.27 5.21
C VAL B 427 8.68 -9.40 4.78
N PRO B 428 7.59 -10.05 4.34
CA PRO B 428 6.38 -9.32 4.02
C PRO B 428 5.94 -8.31 5.08
N TYR B 429 5.61 -7.12 4.62
CA TYR B 429 5.12 -6.07 5.50
C TYR B 429 3.74 -6.47 5.95
N LYS B 430 3.49 -6.40 7.26
CA LYS B 430 2.22 -6.87 7.83
C LYS B 430 1.37 -5.75 8.41
N GLY B 431 1.82 -4.51 8.22
CA GLY B 431 1.11 -3.37 8.76
C GLY B 431 1.76 -2.89 10.03
N THR B 432 0.97 -2.26 10.91
CA THR B 432 1.47 -1.74 12.17
C THR B 432 1.42 -2.80 13.26
N VAL B 433 2.15 -2.59 14.36
CA VAL B 433 2.01 -3.42 15.56
C VAL B 433 0.53 -3.56 15.97
N LYS B 434 -0.20 -2.44 15.95
CA LYS B 434 -1.65 -2.39 16.28
C LYS B 434 -2.52 -3.31 15.41
N ASP B 435 -2.30 -3.28 14.08
CA ASP B 435 -2.98 -4.18 13.14
C ASP B 435 -2.73 -5.66 13.48
N VAL B 436 -1.48 -5.98 13.80
CA VAL B 436 -1.09 -7.36 14.01
C VAL B 436 -1.69 -7.82 15.34
N VAL B 437 -1.57 -7.00 16.38
CA VAL B 437 -2.18 -7.32 17.68
C VAL B 437 -3.67 -7.55 17.57
N HIS B 438 -4.34 -6.66 16.86
CA HIS B 438 -5.78 -6.74 16.61
C HIS B 438 -6.19 -8.10 16.05
N GLN B 439 -5.48 -8.54 15.02
CA GLN B 439 -5.73 -9.85 14.44
C GLN B 439 -5.47 -10.93 15.48
N LEU B 440 -4.31 -10.85 16.14
CA LEU B 440 -3.94 -11.90 17.11
C LEU B 440 -4.91 -11.98 18.28
N VAL B 441 -5.31 -10.82 18.77
CA VAL B 441 -6.24 -10.72 19.87
C VAL B 441 -7.66 -11.11 19.41
N GLY B 442 -8.04 -10.71 18.19
CA GLY B 442 -9.26 -11.22 17.57
C GLY B 442 -9.30 -12.75 17.63
N GLY B 443 -8.22 -13.41 17.20
CA GLY B 443 -8.16 -14.88 17.15
C GLY B 443 -8.24 -15.45 18.56
N LEU B 444 -7.52 -14.82 19.48
CA LEU B 444 -7.54 -15.30 20.84
C LEU B 444 -8.96 -15.19 21.46
N ARG B 445 -9.61 -14.05 21.27
CA ARG B 445 -10.97 -13.84 21.78
C ARG B 445 -11.95 -14.87 21.21
N SER B 446 -11.86 -15.09 19.90
CA SER B 446 -12.67 -16.09 19.23
C SER B 446 -12.46 -17.52 19.79
N GLY B 447 -11.20 -17.94 19.97
CA GLY B 447 -10.95 -19.24 20.58
C GLY B 447 -11.45 -19.38 21.99
N MET B 448 -11.21 -18.37 22.80
CA MET B 448 -11.81 -18.34 24.14
C MET B 448 -13.34 -18.36 24.09
N GLY B 449 -13.90 -17.60 23.15
CA GLY B 449 -15.34 -17.66 22.86
C GLY B 449 -15.85 -19.09 22.64
N TYR B 450 -15.10 -19.88 21.86
CA TYR B 450 -15.49 -21.24 21.45
C TYR B 450 -15.44 -22.21 22.62
N ILE B 451 -14.59 -21.89 23.58
CA ILE B 451 -14.33 -22.72 24.71
C ILE B 451 -15.18 -22.25 25.91
N GLY B 452 -15.87 -21.13 25.73
CA GLY B 452 -16.63 -20.48 26.80
C GLY B 452 -15.78 -19.98 27.95
N ALA B 453 -14.53 -19.60 27.67
CA ALA B 453 -13.59 -19.07 28.67
C ALA B 453 -13.65 -17.56 28.72
N ARG B 454 -14.05 -17.02 29.87
CA ARG B 454 -14.11 -15.56 30.07
C ARG B 454 -12.75 -14.96 30.43
N THR B 455 -11.84 -15.80 30.92
CA THR B 455 -10.51 -15.35 31.36
C THR B 455 -9.48 -16.39 30.96
N ILE B 456 -8.22 -16.01 31.03
CA ILE B 456 -7.16 -16.93 30.68
C ILE B 456 -7.07 -18.10 31.68
N LYS B 457 -7.28 -17.80 32.95
CA LYS B 457 -7.34 -18.84 33.97
C LYS B 457 -8.45 -19.81 33.59
N GLU B 458 -9.61 -19.29 33.17
CA GLU B 458 -10.70 -20.17 32.83
C GLU B 458 -10.37 -21.05 31.65
N LEU B 459 -9.80 -20.46 30.61
CA LEU B 459 -9.34 -21.22 29.46
C LEU B 459 -8.46 -22.41 29.87
N GLN B 460 -7.51 -22.17 30.77
CA GLN B 460 -6.60 -23.22 31.22
C GLN B 460 -7.35 -24.33 31.99
N GLU B 461 -8.46 -23.97 32.65
CA GLU B 461 -9.26 -24.94 33.42
C GLU B 461 -10.29 -25.62 32.51
N LYS B 462 -10.76 -24.95 31.45
CA LYS B 462 -11.71 -25.53 30.51
C LYS B 462 -11.04 -26.30 29.34
N ALA B 463 -9.73 -26.19 29.17
CA ALA B 463 -9.08 -26.65 27.94
C ALA B 463 -9.19 -28.18 27.80
N VAL B 464 -9.77 -28.61 26.70
CA VAL B 464 -9.77 -30.03 26.33
C VAL B 464 -9.13 -30.12 24.96
N PHE B 465 -8.04 -30.86 24.89
CA PHE B 465 -7.30 -31.05 23.67
C PHE B 465 -7.60 -32.37 22.98
N VAL B 466 -7.64 -32.35 21.65
CA VAL B 466 -7.55 -33.58 20.85
C VAL B 466 -6.30 -33.55 19.97
N LYS B 467 -5.67 -34.70 19.84
CA LYS B 467 -4.55 -34.90 18.97
C LYS B 467 -5.09 -35.21 17.60
N ILE B 468 -4.53 -34.56 16.59
CA ILE B 468 -4.92 -34.79 15.21
C ILE B 468 -3.74 -35.43 14.42
N THR B 469 -4.01 -36.08 13.31
CA THR B 469 -2.94 -36.73 12.55
C THR B 469 -2.35 -35.78 11.50
#